data_8H6S
#
_entry.id   8H6S
#
_cell.length_a   78.363
_cell.length_b   90.626
_cell.length_c   113.511
_cell.angle_alpha   90.000
_cell.angle_beta   90.000
_cell.angle_gamma   90.000
#
_symmetry.space_group_name_H-M   'P 21 21 21'
#
loop_
_entity.id
_entity.type
_entity.pdbx_description
1 polymer 'Malonyl-CoA-[acyl-carrier-protein] transacylase'
2 polymer 'Polyketide synthase modules 1-3'
3 non-polymer 'MAGNESIUM ION'
4 non-polymer N-[2-(acetylamino)ethyl]-N~3~-[(2R)-2-hydroxy-3,3-dimethyl-4-(phosphonooxy)butanoyl]-beta-alaninamide
5 water water
#
loop_
_entity_poly.entity_id
_entity_poly.type
_entity_poly.pdbx_seq_one_letter_code
_entity_poly.pdbx_strand_id
1 'polypeptide(L)'
;MNHKVHHHHHHIEGRHMNATVETTQHDVEGTGAAGATAMLFPGMGPAAFSDVGRFMVTNRYTRELLAEADDTLGYSLVDR
FRQAEGDYSEYAQIAFLVNCVALARWAEQTMDLTPRICAGACFGEKSVAAYSGALTFADAVRMTAGLARCMDEYFRTEHL
GVVTHSFVRAPRERLDEILAELDERGEWHEISCHIDHDFFMLTLHERNSVWLEGRLRSVGAMPLYAMRPPMHAAAFGGLR
DKAEEEVIAPLTFHDPTLPVVADQDGKVLTTGDEVRTMLLESFVRPLRWPDVISSLQDQGVTRVCVAGPDSLFGRVGTTT
RAFEVIAATPRLALQPRARTTSR
;
A,B
2 'polypeptide(L)'
;MGSSHHHHHHSSGLVPRGSHMTAGADETPDTRTALARRLAGLSPAEQEQHLVDMVHRHTVAALQAVAPLTPDQVDVQRPF
LELGFDSLAAVDLHKRLTGETGLELPVTVAFDFPTPVLVAEEIRRIAFGIRPAPLA
;
C,D
#
loop_
_chem_comp.id
_chem_comp.type
_chem_comp.name
_chem_comp.formula
9EF non-polymer N-[2-(acetylamino)ethyl]-N~3~-[(2R)-2-hydroxy-3,3-dimethyl-4-(phosphonooxy)butanoyl]-beta-alaninamide 'C13 H26 N3 O8 P'
MG non-polymer 'MAGNESIUM ION' 'Mg 2'
#
# COMPACT_ATOMS: atom_id res chain seq x y z
N GLY A 32 -36.29 -8.78 3.82
CA GLY A 32 -36.12 -7.84 4.96
C GLY A 32 -36.43 -8.49 6.31
N ALA A 33 -37.71 -8.72 6.60
CA ALA A 33 -38.21 -9.29 7.88
C ALA A 33 -38.94 -10.62 7.64
N ALA A 34 -38.90 -11.12 6.39
CA ALA A 34 -39.72 -12.24 5.86
C ALA A 34 -39.00 -13.58 6.08
N GLY A 35 -38.07 -13.62 7.04
CA GLY A 35 -37.23 -14.80 7.34
C GLY A 35 -36.31 -14.55 8.52
N ALA A 36 -35.40 -15.50 8.78
CA ALA A 36 -34.45 -15.49 9.92
C ALA A 36 -33.41 -14.39 9.73
N THR A 37 -32.85 -13.91 10.83
CA THR A 37 -31.72 -12.95 10.86
C THR A 37 -30.44 -13.71 11.19
N ALA A 38 -29.36 -13.44 10.46
CA ALA A 38 -28.02 -14.05 10.66
C ALA A 38 -27.08 -13.01 11.27
N MET A 39 -26.11 -13.45 12.06
CA MET A 39 -25.06 -12.58 12.66
C MET A 39 -23.73 -12.90 11.99
N LEU A 40 -23.25 -12.04 11.08
CA LEU A 40 -22.01 -12.24 10.28
C LEU A 40 -20.86 -11.49 10.95
N PHE A 41 -19.67 -12.08 10.93
CA PHE A 41 -18.43 -11.44 11.44
C PHE A 41 -17.50 -11.22 10.26
N PRO A 42 -17.01 -9.98 10.04
CA PRO A 42 -16.23 -9.65 8.86
C PRO A 42 -14.77 -10.03 9.02
N GLY A 43 -14.10 -10.27 7.89
CA GLY A 43 -12.63 -10.38 7.80
C GLY A 43 -11.98 -9.10 8.25
N MET A 44 -10.77 -9.19 8.79
CA MET A 44 -10.05 -8.02 9.36
C MET A 44 -9.56 -7.12 8.22
N GLY A 45 -10.07 -5.89 8.17
CA GLY A 45 -9.58 -4.81 7.30
C GLY A 45 -8.40 -4.10 7.97
N PRO A 46 -7.72 -3.17 7.27
CA PRO A 46 -6.58 -2.47 7.88
C PRO A 46 -7.09 -1.50 8.96
N ALA A 47 -7.14 -1.96 10.23
CA ALA A 47 -7.75 -1.22 11.37
C ALA A 47 -6.65 -0.49 12.15
N ALA A 48 -6.75 0.84 12.23
CA ALA A 48 -5.84 1.75 12.96
C ALA A 48 -6.58 2.30 14.18
N PHE A 49 -5.96 2.27 15.37
CA PHE A 49 -6.57 2.72 16.65
C PHE A 49 -7.34 4.01 16.40
N SER A 50 -6.74 4.91 15.63
CA SER A 50 -7.34 6.17 15.10
C SER A 50 -8.82 5.97 14.75
N ASP A 51 -9.17 4.88 14.04
CA ASP A 51 -10.53 4.64 13.46
C ASP A 51 -11.51 4.14 14.54
N VAL A 52 -11.04 3.43 15.58
CA VAL A 52 -11.94 2.75 16.56
C VAL A 52 -11.70 3.27 17.99
N GLY A 53 -10.62 4.02 18.23
CA GLY A 53 -10.17 4.48 19.57
C GLY A 53 -11.31 4.94 20.46
N ARG A 54 -11.98 6.04 20.12
CA ARG A 54 -13.00 6.70 20.99
C ARG A 54 -14.07 5.67 21.39
N PHE A 55 -14.48 4.80 20.46
CA PHE A 55 -15.55 3.78 20.62
C PHE A 55 -15.15 2.70 21.65
N MET A 56 -13.88 2.32 21.64
CA MET A 56 -13.34 1.20 22.48
C MET A 56 -13.38 1.60 23.95
N VAL A 57 -13.20 2.89 24.24
CA VAL A 57 -13.13 3.44 25.63
C VAL A 57 -14.51 3.97 26.04
N THR A 58 -15.33 4.40 25.07
CA THR A 58 -16.72 4.86 25.30
C THR A 58 -17.63 3.65 25.55
N ASN A 59 -17.88 2.87 24.50
CA ASN A 59 -18.86 1.74 24.48
C ASN A 59 -18.61 0.86 25.70
N ARG A 60 -19.69 0.40 26.34
CA ARG A 60 -19.66 -0.37 27.61
C ARG A 60 -19.36 -1.84 27.32
N TYR A 61 -19.85 -2.37 26.20
CA TYR A 61 -19.66 -3.78 25.77
C TYR A 61 -18.17 -4.03 25.53
N THR A 62 -17.49 -3.10 24.86
CA THR A 62 -16.02 -3.12 24.63
C THR A 62 -15.29 -3.12 25.97
N ARG A 63 -15.58 -2.14 26.83
CA ARG A 63 -14.97 -2.00 28.18
C ARG A 63 -15.18 -3.30 28.95
N GLU A 64 -16.35 -3.92 28.79
CA GLU A 64 -16.76 -5.19 29.46
C GLU A 64 -15.77 -6.29 29.04
N LEU A 65 -15.44 -6.36 27.75
CA LEU A 65 -14.58 -7.42 27.15
C LEU A 65 -13.09 -7.07 27.32
N LEU A 66 -12.72 -5.82 27.07
CA LEU A 66 -11.32 -5.31 27.22
C LEU A 66 -10.77 -5.69 28.60
N ALA A 67 -11.60 -5.64 29.64
CA ALA A 67 -11.23 -5.96 31.05
C ALA A 67 -11.00 -7.47 31.18
N GLU A 68 -11.90 -8.27 30.62
CA GLU A 68 -11.78 -9.76 30.51
C GLU A 68 -10.50 -10.09 29.72
N ALA A 69 -10.21 -9.32 28.67
CA ALA A 69 -9.05 -9.52 27.76
C ALA A 69 -7.74 -9.11 28.46
N ASP A 70 -7.71 -7.95 29.12
CA ASP A 70 -6.52 -7.43 29.85
C ASP A 70 -6.11 -8.45 30.92
N ASP A 71 -7.11 -9.07 31.56
CA ASP A 71 -6.93 -10.11 32.62
C ASP A 71 -6.24 -11.33 31.98
N THR A 72 -6.80 -11.83 30.88
CA THR A 72 -6.31 -13.00 30.10
C THR A 72 -4.87 -12.78 29.61
N LEU A 73 -4.51 -11.56 29.22
CA LEU A 73 -3.21 -11.26 28.53
C LEU A 73 -2.15 -10.75 29.50
N GLY A 74 -2.55 -10.02 30.55
CA GLY A 74 -1.65 -9.45 31.57
C GLY A 74 -0.97 -8.17 31.10
N TYR A 75 -1.59 -7.46 30.14
CA TYR A 75 -1.21 -6.11 29.68
C TYR A 75 -2.47 -5.33 29.30
N SER A 76 -2.33 -4.02 29.07
CA SER A 76 -3.43 -3.09 28.72
C SER A 76 -3.60 -3.08 27.20
N LEU A 77 -4.58 -3.83 26.68
CA LEU A 77 -4.76 -4.05 25.22
C LEU A 77 -4.90 -2.72 24.51
N VAL A 78 -5.78 -1.85 25.00
CA VAL A 78 -6.04 -0.52 24.38
C VAL A 78 -4.72 0.25 24.31
N ASP A 79 -3.99 0.31 25.43
CA ASP A 79 -2.73 1.10 25.51
C ASP A 79 -1.68 0.49 24.58
N ARG A 80 -1.57 -0.85 24.53
CA ARG A 80 -0.59 -1.54 23.66
C ARG A 80 -1.09 -1.57 22.19
N PHE A 81 -2.36 -1.29 21.93
CA PHE A 81 -2.95 -1.17 20.56
C PHE A 81 -2.64 0.26 20.08
N ARG A 82 -3.09 1.25 20.86
CA ARG A 82 -2.92 2.70 20.61
C ARG A 82 -1.51 2.99 20.10
N GLN A 83 -0.48 2.45 20.76
CA GLN A 83 0.95 2.81 20.57
C GLN A 83 1.64 1.76 19.67
N ALA A 84 0.87 0.80 19.15
CA ALA A 84 1.31 -0.26 18.21
C ALA A 84 1.64 0.34 16.84
N GLU A 85 2.46 -0.36 16.05
CA GLU A 85 2.79 0.02 14.64
C GLU A 85 1.90 -0.81 13.70
N GLY A 86 1.64 -0.30 12.49
CA GLY A 86 1.15 -1.09 11.35
C GLY A 86 -0.37 -1.07 11.21
N ASP A 87 -0.93 -2.08 10.53
CA ASP A 87 -2.39 -2.24 10.28
C ASP A 87 -2.91 -3.54 10.92
N TYR A 88 -2.11 -4.61 10.89
CA TYR A 88 -2.48 -5.98 11.33
C TYR A 88 -1.54 -6.46 12.44
N SER A 89 -1.29 -5.60 13.44
CA SER A 89 -0.45 -5.87 14.63
C SER A 89 -1.03 -7.03 15.44
N GLU A 90 -0.20 -7.63 16.31
CA GLU A 90 -0.59 -8.67 17.30
C GLU A 90 -1.79 -8.14 18.10
N TYR A 91 -1.71 -6.89 18.56
CA TYR A 91 -2.68 -6.22 19.45
C TYR A 91 -3.84 -5.66 18.60
N ALA A 92 -3.57 -5.24 17.38
CA ALA A 92 -4.59 -4.83 16.39
C ALA A 92 -5.55 -6.01 16.17
N GLN A 93 -5.00 -7.22 16.07
CA GLN A 93 -5.76 -8.47 15.82
C GLN A 93 -6.68 -8.73 17.03
N ILE A 94 -6.15 -8.76 18.26
CA ILE A 94 -6.97 -8.96 19.50
C ILE A 94 -8.11 -7.93 19.48
N ALA A 95 -7.74 -6.65 19.38
CA ALA A 95 -8.66 -5.48 19.39
C ALA A 95 -9.81 -5.75 18.41
N PHE A 96 -9.49 -6.20 17.20
CA PHE A 96 -10.50 -6.45 16.13
C PHE A 96 -11.56 -7.43 16.66
N LEU A 97 -11.12 -8.48 17.37
CA LEU A 97 -12.00 -9.51 17.98
C LEU A 97 -12.92 -8.85 19.01
N VAL A 98 -12.32 -8.12 19.95
CA VAL A 98 -13.05 -7.36 21.03
C VAL A 98 -14.16 -6.58 20.35
N ASN A 99 -13.81 -5.74 19.37
CA ASN A 99 -14.74 -4.76 18.75
C ASN A 99 -15.89 -5.52 18.06
N CYS A 100 -15.57 -6.49 17.20
CA CYS A 100 -16.58 -7.27 16.42
C CYS A 100 -17.57 -7.97 17.37
N VAL A 101 -17.03 -8.64 18.39
CA VAL A 101 -17.83 -9.42 19.38
C VAL A 101 -18.68 -8.44 20.19
N ALA A 102 -18.08 -7.42 20.79
CA ALA A 102 -18.77 -6.32 21.49
C ALA A 102 -19.92 -5.80 20.63
N LEU A 103 -19.63 -5.44 19.39
CA LEU A 103 -20.62 -4.87 18.43
C LEU A 103 -21.69 -5.91 18.12
N ALA A 104 -21.31 -7.20 18.07
CA ALA A 104 -22.26 -8.32 17.87
C ALA A 104 -23.29 -8.29 19.01
N ARG A 105 -22.84 -8.17 20.26
CA ARG A 105 -23.71 -8.07 21.47
C ARG A 105 -24.50 -6.76 21.43
N TRP A 106 -23.79 -5.63 21.32
CA TRP A 106 -24.37 -4.27 21.25
C TRP A 106 -25.57 -4.26 20.30
N ALA A 107 -25.39 -4.79 19.09
CA ALA A 107 -26.41 -4.83 18.02
C ALA A 107 -27.63 -5.59 18.53
N GLU A 108 -27.42 -6.79 19.08
CA GLU A 108 -28.49 -7.68 19.63
C GLU A 108 -29.37 -6.88 20.60
N GLN A 109 -28.76 -6.33 21.65
CA GLN A 109 -29.49 -5.63 22.74
C GLN A 109 -30.21 -4.41 22.18
N THR A 110 -29.47 -3.47 21.57
CA THR A 110 -30.00 -2.17 21.10
C THR A 110 -31.12 -2.37 20.05
N MET A 111 -30.96 -3.29 19.11
CA MET A 111 -31.87 -3.46 17.94
C MET A 111 -32.75 -4.71 18.11
N ASP A 112 -32.77 -5.33 19.30
CA ASP A 112 -33.58 -6.52 19.62
C ASP A 112 -33.48 -7.51 18.45
N LEU A 113 -32.27 -7.91 18.08
CA LEU A 113 -31.99 -9.00 17.09
C LEU A 113 -31.91 -10.33 17.85
N THR A 114 -32.42 -11.41 17.27
CA THR A 114 -32.23 -12.80 17.77
C THR A 114 -31.77 -13.67 16.60
N PRO A 115 -30.44 -13.75 16.35
CA PRO A 115 -29.91 -14.57 15.26
C PRO A 115 -30.29 -16.05 15.38
N ARG A 116 -30.62 -16.69 14.25
CA ARG A 116 -30.95 -18.15 14.16
C ARG A 116 -29.71 -18.93 13.70
N ILE A 117 -28.67 -18.22 13.26
CA ILE A 117 -27.43 -18.80 12.66
C ILE A 117 -26.38 -17.70 12.55
N CYS A 118 -25.11 -18.04 12.74
CA CYS A 118 -23.98 -17.07 12.64
C CYS A 118 -22.96 -17.60 11.64
N ALA A 119 -22.11 -16.70 11.14
CA ALA A 119 -21.05 -16.97 10.15
C ALA A 119 -19.90 -15.97 10.34
N GLY A 120 -18.66 -16.39 10.02
CA GLY A 120 -17.46 -15.54 10.04
C GLY A 120 -16.56 -15.83 8.85
N ALA A 121 -15.96 -14.79 8.26
CA ALA A 121 -15.03 -14.87 7.12
C ALA A 121 -13.59 -14.67 7.62
N CYS A 122 -12.70 -15.60 7.27
CA CYS A 122 -11.28 -15.63 7.74
C CYS A 122 -11.22 -15.32 9.23
N PHE A 123 -10.71 -14.14 9.62
CA PHE A 123 -10.56 -13.74 11.04
C PHE A 123 -11.93 -13.82 11.72
N GLY A 124 -13.01 -13.49 10.99
CA GLY A 124 -14.40 -13.67 11.44
C GLY A 124 -14.61 -14.99 12.19
N GLU A 125 -13.95 -16.06 11.75
CA GLU A 125 -13.97 -17.39 12.40
C GLU A 125 -13.64 -17.24 13.90
N LYS A 126 -12.61 -16.46 14.22
CA LYS A 126 -12.17 -16.21 15.62
C LYS A 126 -13.30 -15.51 16.38
N SER A 127 -14.00 -14.59 15.73
CA SER A 127 -15.12 -13.82 16.32
C SER A 127 -16.33 -14.75 16.55
N VAL A 128 -16.75 -15.54 15.54
CA VAL A 128 -17.92 -16.45 15.68
C VAL A 128 -17.61 -17.49 16.76
N ALA A 129 -16.36 -17.90 16.87
CA ALA A 129 -15.91 -18.87 17.88
C ALA A 129 -16.40 -18.40 19.25
N ALA A 130 -15.98 -17.19 19.64
CA ALA A 130 -16.32 -16.52 20.92
C ALA A 130 -17.85 -16.36 21.01
N TYR A 131 -18.45 -15.67 20.04
CA TYR A 131 -19.89 -15.32 20.00
C TYR A 131 -20.76 -16.59 20.12
N SER A 132 -20.51 -17.60 19.29
CA SER A 132 -21.29 -18.86 19.22
C SER A 132 -21.15 -19.64 20.53
N GLY A 133 -20.19 -19.25 21.36
CA GLY A 133 -19.91 -19.90 22.66
C GLY A 133 -18.94 -21.04 22.47
N ALA A 134 -18.68 -21.46 21.22
CA ALA A 134 -17.77 -22.58 20.86
C ALA A 134 -16.48 -22.51 21.67
N LEU A 135 -16.01 -21.30 22.00
CA LEU A 135 -14.89 -21.04 22.95
C LEU A 135 -15.32 -19.97 23.95
N THR A 136 -14.91 -20.12 25.21
CA THR A 136 -14.89 -19.04 26.22
C THR A 136 -14.27 -17.81 25.53
N PHE A 137 -14.64 -16.59 25.91
CA PHE A 137 -14.07 -15.36 25.30
C PHE A 137 -12.56 -15.28 25.61
N ALA A 138 -12.14 -15.70 26.81
CA ALA A 138 -10.72 -15.70 27.22
C ALA A 138 -9.92 -16.70 26.37
N ASP A 139 -10.48 -17.88 26.08
CA ASP A 139 -9.86 -18.89 25.17
C ASP A 139 -9.70 -18.27 23.78
N ALA A 140 -10.78 -17.71 23.24
CA ALA A 140 -10.77 -16.99 21.94
C ALA A 140 -9.63 -15.97 21.92
N VAL A 141 -9.48 -15.16 22.97
CA VAL A 141 -8.37 -14.16 23.10
C VAL A 141 -7.04 -14.90 23.05
N ARG A 142 -6.85 -15.92 23.88
CA ARG A 142 -5.61 -16.74 23.92
C ARG A 142 -5.32 -17.21 22.48
N MET A 143 -6.34 -17.76 21.79
CA MET A 143 -6.23 -18.29 20.40
C MET A 143 -5.81 -17.17 19.44
N THR A 144 -6.63 -16.12 19.35
CA THR A 144 -6.45 -14.98 18.43
C THR A 144 -5.04 -14.39 18.62
N ALA A 145 -4.57 -14.35 19.86
CA ALA A 145 -3.19 -13.92 20.21
C ALA A 145 -2.18 -14.91 19.66
N GLY A 146 -2.35 -16.20 19.99
CA GLY A 146 -1.43 -17.29 19.63
C GLY A 146 -1.21 -17.37 18.13
N LEU A 147 -2.29 -17.28 17.34
CA LEU A 147 -2.24 -17.36 15.86
C LEU A 147 -1.53 -16.12 15.31
N ALA A 148 -1.95 -14.93 15.75
CA ALA A 148 -1.32 -13.62 15.43
C ALA A 148 0.21 -13.73 15.57
N ARG A 149 0.69 -14.38 16.64
CA ARG A 149 2.13 -14.52 16.97
C ARG A 149 2.78 -15.58 16.05
N CYS A 150 2.05 -16.65 15.74
CA CYS A 150 2.54 -17.77 14.89
C CYS A 150 2.77 -17.25 13.46
N MET A 151 1.86 -16.40 12.98
CA MET A 151 1.93 -15.75 11.66
C MET A 151 3.08 -14.75 11.64
N ASP A 152 3.10 -13.81 12.59
CA ASP A 152 4.21 -12.83 12.76
C ASP A 152 5.54 -13.57 12.52
N GLU A 153 5.78 -14.63 13.30
CA GLU A 153 7.02 -15.45 13.30
C GLU A 153 7.16 -16.21 11.97
N TYR A 154 6.05 -16.61 11.35
CA TYR A 154 6.00 -17.38 10.07
C TYR A 154 6.50 -16.53 8.91
N PHE A 155 5.91 -15.34 8.73
CA PHE A 155 6.11 -14.48 7.54
C PHE A 155 7.50 -13.83 7.57
N ARG A 156 8.24 -14.00 8.68
CA ARG A 156 9.64 -13.50 8.80
C ARG A 156 10.56 -14.31 7.89
N THR A 157 10.25 -15.59 7.65
CA THR A 157 11.12 -16.54 6.88
C THR A 157 10.37 -17.10 5.67
N GLU A 158 9.10 -17.45 5.80
CA GLU A 158 8.28 -18.10 4.74
C GLU A 158 7.45 -17.06 3.97
N HIS A 159 7.27 -17.26 2.66
CA HIS A 159 6.44 -16.43 1.73
C HIS A 159 6.93 -14.99 1.62
N LEU A 160 8.23 -14.74 1.74
CA LEU A 160 8.81 -13.38 1.60
C LEU A 160 8.45 -12.86 0.20
N GLY A 161 8.01 -11.61 0.09
CA GLY A 161 7.74 -10.98 -1.22
C GLY A 161 6.44 -11.45 -1.87
N VAL A 162 5.70 -12.33 -1.21
CA VAL A 162 4.35 -12.77 -1.69
C VAL A 162 3.33 -11.71 -1.27
N VAL A 163 2.27 -11.55 -2.08
CA VAL A 163 1.31 -10.40 -2.06
C VAL A 163 -0.07 -10.88 -2.50
N THR A 164 -1.11 -10.58 -1.72
CA THR A 164 -2.53 -10.75 -2.13
C THR A 164 -3.01 -9.45 -2.79
N HIS A 165 -3.60 -9.55 -3.99
CA HIS A 165 -4.13 -8.41 -4.79
C HIS A 165 -5.66 -8.50 -4.83
N SER A 166 -6.36 -7.65 -4.10
CA SER A 166 -7.84 -7.47 -4.17
C SER A 166 -8.19 -6.69 -5.45
N PHE A 167 -9.25 -7.08 -6.17
CA PHE A 167 -9.73 -6.37 -7.39
C PHE A 167 -11.19 -6.75 -7.69
N VAL A 168 -11.93 -5.81 -8.28
CA VAL A 168 -13.40 -5.89 -8.56
C VAL A 168 -13.66 -5.47 -10.01
N ARG A 169 -14.83 -5.86 -10.55
CA ARG A 169 -15.22 -5.79 -11.98
C ARG A 169 -14.23 -6.61 -12.83
N ALA A 170 -13.86 -7.80 -12.35
CA ALA A 170 -13.09 -8.84 -13.08
C ALA A 170 -13.94 -10.09 -13.22
N PRO A 171 -14.83 -10.15 -14.25
CA PRO A 171 -15.72 -11.30 -14.42
C PRO A 171 -14.93 -12.59 -14.60
N ARG A 172 -15.51 -13.71 -14.15
CA ARG A 172 -14.83 -15.04 -14.09
C ARG A 172 -14.12 -15.31 -15.42
N GLU A 173 -14.75 -14.98 -16.56
CA GLU A 173 -14.20 -15.22 -17.92
C GLU A 173 -12.88 -14.45 -18.08
N ARG A 174 -12.79 -13.26 -17.52
CA ARG A 174 -11.67 -12.30 -17.76
C ARG A 174 -10.51 -12.62 -16.82
N LEU A 175 -10.80 -13.06 -15.60
CA LEU A 175 -9.76 -13.56 -14.65
C LEU A 175 -9.05 -14.76 -15.29
N ASP A 176 -9.84 -15.74 -15.76
CA ASP A 176 -9.33 -17.03 -16.29
C ASP A 176 -8.34 -16.77 -17.43
N GLU A 177 -8.51 -15.69 -18.21
CA GLU A 177 -7.55 -15.24 -19.26
C GLU A 177 -6.21 -14.91 -18.59
N ILE A 178 -6.24 -14.20 -17.46
CA ILE A 178 -5.02 -13.74 -16.73
C ILE A 178 -4.40 -14.96 -16.03
N LEU A 179 -5.22 -15.78 -15.36
CA LEU A 179 -4.74 -17.00 -14.66
C LEU A 179 -4.06 -17.92 -15.68
N ALA A 180 -4.57 -17.95 -16.92
CA ALA A 180 -4.04 -18.77 -18.03
C ALA A 180 -2.63 -18.29 -18.36
N GLU A 181 -2.42 -16.98 -18.44
CA GLU A 181 -1.10 -16.35 -18.72
C GLU A 181 -0.11 -16.71 -17.60
N LEU A 182 -0.58 -16.80 -16.35
CA LEU A 182 0.27 -17.17 -15.19
C LEU A 182 0.64 -18.65 -15.32
N ASP A 183 -0.36 -19.51 -15.60
CA ASP A 183 -0.15 -20.95 -15.93
C ASP A 183 0.96 -21.05 -17.00
N GLU A 184 0.81 -20.30 -18.09
CA GLU A 184 1.72 -20.33 -19.26
C GLU A 184 3.10 -19.80 -18.85
N ARG A 185 3.14 -18.75 -18.02
CA ARG A 185 4.38 -18.13 -17.48
C ARG A 185 4.94 -19.06 -16.39
N GLY A 186 4.13 -20.01 -15.92
CA GLY A 186 4.49 -20.98 -14.87
C GLY A 186 4.72 -20.31 -13.53
N GLU A 187 3.90 -19.31 -13.20
CA GLU A 187 4.05 -18.44 -11.99
C GLU A 187 3.05 -18.89 -10.91
N TRP A 188 3.58 -19.42 -9.80
CA TRP A 188 2.81 -19.87 -8.62
C TRP A 188 1.78 -18.79 -8.27
N HIS A 189 0.52 -19.19 -8.11
CA HIS A 189 -0.59 -18.25 -7.86
C HIS A 189 -1.77 -19.00 -7.26
N GLU A 190 -2.60 -18.28 -6.52
CA GLU A 190 -3.73 -18.85 -5.74
C GLU A 190 -4.81 -17.78 -5.60
N ILE A 191 -6.02 -18.06 -6.09
CA ILE A 191 -7.25 -17.31 -5.73
C ILE A 191 -7.52 -17.59 -4.26
N SER A 192 -7.21 -16.63 -3.39
CA SER A 192 -7.17 -16.76 -1.91
C SER A 192 -8.56 -16.51 -1.31
N CYS A 193 -9.38 -15.69 -1.99
CA CYS A 193 -10.79 -15.43 -1.61
C CYS A 193 -11.63 -15.27 -2.89
N HIS A 194 -12.75 -16.00 -2.97
CA HIS A 194 -13.91 -15.75 -3.88
C HIS A 194 -14.90 -14.87 -3.13
N ILE A 195 -15.12 -13.64 -3.60
CA ILE A 195 -15.95 -12.61 -2.93
C ILE A 195 -17.28 -12.47 -3.66
N ASP A 196 -17.22 -12.26 -4.97
CA ASP A 196 -18.41 -12.19 -5.86
C ASP A 196 -17.99 -12.66 -7.24
N HIS A 197 -18.95 -12.78 -8.17
CA HIS A 197 -18.75 -13.28 -9.55
C HIS A 197 -17.56 -12.56 -10.19
N ASP A 198 -17.37 -11.27 -9.88
CA ASP A 198 -16.37 -10.39 -10.53
C ASP A 198 -15.51 -9.71 -9.48
N PHE A 199 -15.11 -10.42 -8.44
CA PHE A 199 -14.39 -9.85 -7.27
C PHE A 199 -13.62 -10.98 -6.59
N PHE A 200 -12.29 -10.97 -6.72
CA PHE A 200 -11.39 -12.01 -6.17
C PHE A 200 -10.17 -11.34 -5.54
N MET A 201 -9.59 -11.99 -4.54
CA MET A 201 -8.21 -11.73 -4.04
C MET A 201 -7.31 -12.78 -4.70
N LEU A 202 -6.22 -12.35 -5.33
CA LEU A 202 -5.22 -13.24 -5.98
C LEU A 202 -3.87 -13.09 -5.28
N THR A 203 -3.36 -14.16 -4.68
CA THR A 203 -2.03 -14.17 -4.00
C THR A 203 -0.98 -14.74 -4.96
N LEU A 204 0.14 -14.03 -5.15
CA LEU A 204 1.31 -14.47 -5.95
C LEU A 204 2.53 -13.63 -5.57
N HIS A 205 3.68 -13.89 -6.18
CA HIS A 205 4.93 -13.13 -5.92
C HIS A 205 4.80 -11.71 -6.45
N GLU A 206 5.45 -10.75 -5.78
CA GLU A 206 5.34 -9.30 -6.09
C GLU A 206 5.95 -8.97 -7.46
N ARG A 207 6.86 -9.81 -7.96
CA ARG A 207 7.46 -9.69 -9.31
C ARG A 207 6.36 -9.71 -10.39
N ASN A 208 5.09 -9.95 -10.01
CA ASN A 208 3.94 -9.98 -10.93
C ASN A 208 3.04 -8.75 -10.72
N SER A 209 3.24 -7.99 -9.64
CA SER A 209 2.29 -6.94 -9.19
C SER A 209 1.99 -5.98 -10.35
N VAL A 210 3.01 -5.31 -10.89
CA VAL A 210 2.86 -4.29 -11.97
C VAL A 210 2.21 -4.95 -13.18
N TRP A 211 2.78 -6.08 -13.62
CA TRP A 211 2.25 -6.96 -14.70
C TRP A 211 0.74 -7.14 -14.54
N LEU A 212 0.32 -7.59 -13.35
CA LEU A 212 -1.08 -8.00 -13.06
C LEU A 212 -2.00 -6.78 -13.16
N GLU A 213 -1.67 -5.70 -12.47
CA GLU A 213 -2.51 -4.47 -12.44
C GLU A 213 -2.67 -4.02 -13.89
N GLY A 214 -1.61 -4.12 -14.69
CA GLY A 214 -1.62 -3.84 -16.14
C GLY A 214 -2.76 -4.56 -16.83
N ARG A 215 -2.86 -5.88 -16.64
CA ARG A 215 -3.83 -6.77 -17.32
C ARG A 215 -5.25 -6.55 -16.77
N LEU A 216 -5.38 -6.36 -15.45
CA LEU A 216 -6.69 -6.10 -14.77
C LEU A 216 -7.34 -4.85 -15.37
N ARG A 217 -6.56 -3.80 -15.61
CA ARG A 217 -7.08 -2.53 -16.19
C ARG A 217 -7.42 -2.77 -17.66
N SER A 218 -6.63 -3.56 -18.37
CA SER A 218 -6.88 -3.96 -19.77
C SER A 218 -8.33 -4.49 -19.89
N VAL A 219 -8.69 -5.51 -19.11
CA VAL A 219 -10.05 -6.12 -19.14
C VAL A 219 -11.06 -5.13 -18.53
N GLY A 220 -10.60 -4.05 -17.93
CA GLY A 220 -11.46 -2.98 -17.43
C GLY A 220 -11.96 -3.24 -16.02
N ALA A 221 -11.20 -4.04 -15.26
CA ALA A 221 -11.39 -4.25 -13.80
C ALA A 221 -10.62 -3.17 -13.06
N MET A 222 -10.84 -3.03 -11.76
CA MET A 222 -10.19 -1.98 -10.94
C MET A 222 -9.42 -2.65 -9.80
N PRO A 223 -8.07 -2.58 -9.80
CA PRO A 223 -7.28 -2.98 -8.64
C PRO A 223 -7.71 -2.15 -7.42
N LEU A 224 -7.68 -2.76 -6.22
CA LEU A 224 -8.21 -2.17 -4.96
C LEU A 224 -7.11 -2.05 -3.90
N TYR A 225 -6.31 -3.11 -3.69
CA TYR A 225 -5.43 -3.23 -2.50
C TYR A 225 -4.38 -4.34 -2.71
N ALA A 226 -3.16 -4.12 -2.22
CA ALA A 226 -2.07 -5.13 -2.18
C ALA A 226 -1.69 -5.44 -0.73
N MET A 227 -2.24 -6.53 -0.17
CA MET A 227 -1.87 -7.10 1.16
C MET A 227 -0.45 -7.67 1.12
N ARG A 228 0.33 -7.49 2.18
CA ARG A 228 1.76 -7.91 2.26
C ARG A 228 2.20 -7.76 3.71
N PRO A 229 2.56 -8.83 4.45
CA PRO A 229 2.54 -10.20 3.95
C PRO A 229 1.12 -10.74 3.77
N PRO A 230 0.94 -11.78 2.93
CA PRO A 230 -0.39 -12.16 2.45
C PRO A 230 -1.17 -12.99 3.48
N MET A 231 -1.63 -12.33 4.55
CA MET A 231 -2.20 -12.98 5.78
C MET A 231 -3.48 -13.75 5.44
N HIS A 232 -4.28 -13.27 4.50
CA HIS A 232 -5.65 -13.78 4.21
C HIS A 232 -5.58 -14.85 3.10
N ALA A 233 -4.37 -15.12 2.58
CA ALA A 233 -4.12 -16.23 1.63
C ALA A 233 -4.36 -17.56 2.34
N ALA A 234 -4.39 -18.66 1.60
CA ALA A 234 -4.76 -20.00 2.12
C ALA A 234 -3.83 -21.07 1.53
N ALA A 235 -2.53 -20.80 1.57
CA ALA A 235 -1.47 -21.70 1.07
C ALA A 235 -0.36 -21.81 2.13
N PHE A 236 -0.71 -22.21 3.35
CA PHE A 236 0.20 -22.28 4.52
C PHE A 236 0.05 -23.62 5.26
N GLY A 237 0.18 -24.74 4.55
CA GLY A 237 0.24 -26.08 5.15
C GLY A 237 1.19 -26.10 6.34
N GLY A 238 2.37 -25.49 6.18
CA GLY A 238 3.41 -25.41 7.23
C GLY A 238 2.87 -24.83 8.51
N LEU A 239 2.22 -23.67 8.41
CA LEU A 239 1.63 -22.92 9.54
C LEU A 239 0.56 -23.77 10.23
N ARG A 240 -0.38 -24.34 9.46
CA ARG A 240 -1.53 -25.13 9.98
C ARG A 240 -1.05 -26.15 11.02
N ASP A 241 0.02 -26.88 10.72
CA ASP A 241 0.57 -27.94 11.61
C ASP A 241 1.04 -27.30 12.93
N LYS A 242 1.86 -26.23 12.83
CA LYS A 242 2.47 -25.51 13.99
C LYS A 242 1.40 -24.78 14.80
N ALA A 243 0.34 -24.30 14.16
CA ALA A 243 -0.82 -23.64 14.82
C ALA A 243 -1.57 -24.66 15.68
N GLU A 244 -1.78 -25.88 15.16
CA GLU A 244 -2.48 -26.99 15.86
C GLU A 244 -1.71 -27.39 17.12
N GLU A 245 -0.38 -27.56 17.03
CA GLU A 245 0.52 -27.96 18.16
C GLU A 245 0.41 -26.91 19.28
N GLU A 246 0.72 -25.65 18.94
CA GLU A 246 1.11 -24.57 19.90
C GLU A 246 -0.10 -23.73 20.36
N VAL A 247 -1.26 -23.80 19.70
CA VAL A 247 -2.37 -22.81 19.93
C VAL A 247 -3.73 -23.51 20.06
N ILE A 248 -4.16 -24.30 19.06
CA ILE A 248 -5.56 -24.82 18.95
C ILE A 248 -5.72 -26.08 19.82
N ALA A 249 -4.66 -26.88 19.99
CA ALA A 249 -4.70 -28.16 20.74
C ALA A 249 -4.98 -27.90 22.23
N PRO A 250 -4.20 -27.05 22.94
CA PRO A 250 -4.42 -26.84 24.37
C PRO A 250 -5.82 -26.31 24.71
N LEU A 251 -6.50 -25.71 23.74
CA LEU A 251 -7.84 -25.09 23.91
C LEU A 251 -8.92 -26.18 23.98
N THR A 252 -10.14 -25.78 24.33
CA THR A 252 -11.25 -26.69 24.73
C THR A 252 -12.55 -26.15 24.11
N PHE A 253 -13.09 -26.85 23.11
CA PHE A 253 -14.17 -26.34 22.22
C PHE A 253 -15.51 -26.97 22.55
N HIS A 254 -16.47 -26.16 22.99
CA HIS A 254 -17.87 -26.57 23.28
C HIS A 254 -18.67 -26.45 21.98
N ASP A 255 -19.79 -27.16 21.89
CA ASP A 255 -20.76 -27.04 20.76
C ASP A 255 -21.27 -25.62 20.75
N PRO A 256 -21.34 -24.94 19.58
CA PRO A 256 -21.85 -23.58 19.51
C PRO A 256 -23.36 -23.56 19.78
N THR A 257 -23.83 -22.47 20.40
CA THR A 257 -25.22 -22.29 20.89
C THR A 257 -26.17 -22.10 19.69
N LEU A 258 -25.61 -22.01 18.48
CA LEU A 258 -26.37 -21.91 17.21
C LEU A 258 -25.48 -22.34 16.04
N PRO A 259 -26.06 -22.76 14.89
CA PRO A 259 -25.26 -23.15 13.73
C PRO A 259 -24.24 -22.08 13.33
N VAL A 260 -23.10 -22.52 12.79
CA VAL A 260 -21.99 -21.65 12.28
C VAL A 260 -21.74 -22.08 10.83
N VAL A 261 -21.80 -21.15 9.87
CA VAL A 261 -21.48 -21.44 8.45
C VAL A 261 -19.99 -21.18 8.22
N ALA A 262 -19.37 -22.04 7.40
CA ALA A 262 -17.90 -22.11 7.19
C ALA A 262 -17.54 -21.41 5.88
N ASP A 263 -16.56 -20.49 5.94
CA ASP A 263 -16.10 -19.69 4.77
C ASP A 263 -15.60 -20.59 3.64
N GLN A 264 -15.04 -21.78 3.92
CA GLN A 264 -14.38 -22.66 2.90
C GLN A 264 -15.39 -23.13 1.85
N ASP A 265 -16.52 -23.68 2.31
CA ASP A 265 -17.46 -24.50 1.50
C ASP A 265 -18.92 -24.12 1.77
N GLY A 266 -19.20 -23.36 2.83
CA GLY A 266 -20.56 -22.96 3.21
C GLY A 266 -21.27 -24.00 4.05
N LYS A 267 -20.58 -25.08 4.45
CA LYS A 267 -21.14 -26.16 5.30
C LYS A 267 -21.60 -25.57 6.64
N VAL A 268 -22.74 -26.06 7.14
CA VAL A 268 -23.33 -25.66 8.45
C VAL A 268 -22.72 -26.57 9.53
N LEU A 269 -22.01 -25.99 10.48
CA LEU A 269 -21.37 -26.70 11.61
C LEU A 269 -22.28 -26.60 12.84
N THR A 270 -22.23 -27.58 13.75
CA THR A 270 -23.01 -27.58 15.02
C THR A 270 -22.20 -28.13 16.20
N THR A 271 -20.93 -28.46 16.02
CA THR A 271 -20.10 -29.16 17.04
C THR A 271 -18.78 -28.44 17.24
N GLY A 272 -18.37 -28.24 18.50
CA GLY A 272 -17.10 -27.60 18.87
C GLY A 272 -15.95 -28.11 18.01
N ASP A 273 -16.05 -29.37 17.58
CA ASP A 273 -14.98 -30.04 16.78
C ASP A 273 -14.99 -29.43 15.37
N GLU A 274 -16.16 -29.35 14.75
CA GLU A 274 -16.30 -28.76 13.39
C GLU A 274 -15.70 -27.35 13.39
N VAL A 275 -15.94 -26.55 14.44
CA VAL A 275 -15.40 -25.16 14.62
C VAL A 275 -13.87 -25.20 14.61
N ARG A 276 -13.28 -26.02 15.48
CA ARG A 276 -11.82 -26.31 15.58
C ARG A 276 -11.24 -26.47 14.17
N THR A 277 -11.88 -27.30 13.34
CA THR A 277 -11.50 -27.60 11.94
C THR A 277 -11.60 -26.33 11.10
N MET A 278 -12.79 -25.71 11.10
CA MET A 278 -13.08 -24.44 10.36
C MET A 278 -11.86 -23.51 10.49
N LEU A 279 -11.30 -23.39 11.69
CA LEU A 279 -10.21 -22.45 12.04
C LEU A 279 -8.89 -22.91 11.41
N LEU A 280 -8.59 -24.20 11.55
CA LEU A 280 -7.36 -24.82 10.99
C LEU A 280 -7.46 -24.82 9.45
N GLU A 281 -8.61 -25.22 8.89
CA GLU A 281 -8.85 -25.32 7.43
C GLU A 281 -8.51 -24.01 6.71
N SER A 282 -8.70 -22.86 7.37
CA SER A 282 -8.49 -21.50 6.82
C SER A 282 -7.02 -21.21 6.50
N PHE A 283 -6.08 -22.09 6.88
CA PHE A 283 -4.65 -21.97 6.53
C PHE A 283 -4.38 -22.60 5.16
N VAL A 284 -5.32 -23.39 4.65
CA VAL A 284 -5.12 -24.20 3.40
C VAL A 284 -6.37 -24.18 2.53
N ARG A 285 -7.45 -23.52 2.96
CA ARG A 285 -8.75 -23.53 2.23
C ARG A 285 -9.28 -22.10 2.13
N PRO A 286 -9.30 -21.56 0.88
CA PRO A 286 -9.71 -20.18 0.62
C PRO A 286 -11.17 -19.88 1.00
N LEU A 287 -11.43 -18.63 1.35
CA LEU A 287 -12.77 -18.03 1.55
C LEU A 287 -13.58 -18.16 0.26
N ARG A 288 -14.80 -18.69 0.37
CA ARG A 288 -15.81 -18.76 -0.72
C ARG A 288 -17.08 -18.08 -0.20
N TRP A 289 -17.09 -16.74 -0.24
CA TRP A 289 -18.18 -15.89 0.31
C TRP A 289 -19.50 -16.23 -0.39
N PRO A 290 -19.55 -16.38 -1.73
CA PRO A 290 -20.77 -16.78 -2.41
C PRO A 290 -21.43 -18.01 -1.76
N ASP A 291 -20.64 -19.04 -1.44
CA ASP A 291 -21.10 -20.33 -0.85
C ASP A 291 -21.73 -20.05 0.52
N VAL A 292 -21.16 -19.13 1.30
CA VAL A 292 -21.66 -18.74 2.66
C VAL A 292 -23.07 -18.14 2.49
N ILE A 293 -23.20 -17.20 1.56
CA ILE A 293 -24.50 -16.53 1.22
C ILE A 293 -25.48 -17.61 0.74
N SER A 294 -25.14 -18.32 -0.34
CA SER A 294 -25.93 -19.43 -0.93
C SER A 294 -26.46 -20.34 0.19
N SER A 295 -25.61 -20.61 1.20
CA SER A 295 -25.89 -21.51 2.35
C SER A 295 -26.80 -20.83 3.37
N LEU A 296 -26.52 -19.57 3.73
CA LEU A 296 -27.38 -18.76 4.63
C LEU A 296 -28.78 -18.63 4.01
N GLN A 297 -28.86 -18.40 2.70
CA GLN A 297 -30.14 -18.35 1.94
C GLN A 297 -30.87 -19.68 2.11
N ASP A 298 -30.17 -20.80 1.87
CA ASP A 298 -30.74 -22.16 2.05
C ASP A 298 -31.31 -22.26 3.47
N GLN A 299 -30.64 -21.68 4.47
CA GLN A 299 -31.05 -21.70 5.90
C GLN A 299 -32.13 -20.62 6.17
N GLY A 300 -32.71 -20.02 5.13
CA GLY A 300 -33.91 -19.16 5.22
C GLY A 300 -33.64 -17.78 5.80
N VAL A 301 -32.43 -17.26 5.61
CA VAL A 301 -32.00 -15.93 6.11
C VAL A 301 -32.44 -14.86 5.10
N THR A 302 -32.86 -13.70 5.61
CA THR A 302 -33.24 -12.49 4.82
C THR A 302 -32.49 -11.26 5.36
N ARG A 303 -32.14 -11.26 6.64
CA ARG A 303 -31.47 -10.14 7.35
C ARG A 303 -30.12 -10.62 7.88
N VAL A 304 -29.08 -9.80 7.70
CA VAL A 304 -27.72 -10.07 8.23
C VAL A 304 -27.26 -8.83 9.00
N CYS A 305 -26.61 -9.03 10.14
CA CYS A 305 -25.94 -7.98 10.92
C CYS A 305 -24.44 -8.22 10.87
N VAL A 306 -23.73 -7.45 10.03
CA VAL A 306 -22.24 -7.48 9.89
C VAL A 306 -21.63 -6.71 11.06
N ALA A 307 -21.20 -7.43 12.09
CA ALA A 307 -20.71 -6.88 13.38
C ALA A 307 -19.20 -6.66 13.32
N GLY A 308 -18.78 -5.40 13.09
CA GLY A 308 -17.39 -4.97 13.24
C GLY A 308 -17.01 -3.92 12.20
N PRO A 309 -15.83 -3.25 12.35
CA PRO A 309 -15.30 -2.37 11.32
C PRO A 309 -15.14 -3.19 10.03
N ASP A 310 -16.12 -3.03 9.14
CA ASP A 310 -16.20 -3.68 7.80
C ASP A 310 -16.28 -2.56 6.76
N SER A 311 -16.05 -2.88 5.49
CA SER A 311 -16.33 -1.99 4.32
C SER A 311 -16.37 -2.82 3.04
N LEU A 312 -16.68 -4.11 3.17
CA LEU A 312 -16.57 -5.14 2.12
C LEU A 312 -17.69 -6.18 2.28
N PHE A 313 -17.67 -6.93 3.38
CA PHE A 313 -18.61 -8.06 3.62
C PHE A 313 -20.04 -7.52 3.82
N GLY A 314 -20.18 -6.30 4.34
CA GLY A 314 -21.46 -5.59 4.48
C GLY A 314 -21.86 -4.86 3.21
N ARG A 315 -20.89 -4.47 2.38
CA ARG A 315 -21.06 -3.51 1.25
C ARG A 315 -21.17 -4.26 -0.09
N VAL A 316 -20.34 -5.29 -0.31
CA VAL A 316 -20.24 -6.01 -1.62
C VAL A 316 -21.60 -6.59 -2.00
N GLY A 317 -21.83 -6.76 -3.30
CA GLY A 317 -23.08 -7.26 -3.91
C GLY A 317 -23.52 -8.60 -3.35
N THR A 318 -22.60 -9.57 -3.33
CA THR A 318 -22.84 -10.98 -2.89
C THR A 318 -23.75 -10.98 -1.66
N THR A 319 -23.49 -10.08 -0.71
CA THR A 319 -24.30 -9.86 0.52
C THR A 319 -25.54 -9.01 0.21
N THR A 320 -25.33 -7.80 -0.34
CA THR A 320 -26.35 -6.73 -0.45
C THR A 320 -27.45 -7.13 -1.45
N ARG A 321 -27.15 -8.00 -2.41
CA ARG A 321 -28.14 -8.51 -3.39
C ARG A 321 -29.10 -9.47 -2.69
N ALA A 322 -28.64 -10.17 -1.64
CA ALA A 322 -29.33 -11.34 -1.06
C ALA A 322 -30.01 -10.97 0.27
N PHE A 323 -29.44 -10.04 1.04
CA PHE A 323 -29.87 -9.74 2.43
C PHE A 323 -30.00 -8.24 2.67
N GLU A 324 -30.85 -7.90 3.64
CA GLU A 324 -30.96 -6.55 4.25
C GLU A 324 -29.83 -6.45 5.28
N VAL A 325 -28.82 -5.64 4.99
CA VAL A 325 -27.56 -5.55 5.80
C VAL A 325 -27.78 -4.57 6.95
N ILE A 326 -27.16 -4.86 8.10
CA ILE A 326 -27.09 -3.96 9.29
C ILE A 326 -25.62 -3.88 9.70
N ALA A 327 -24.91 -2.85 9.22
CA ALA A 327 -23.48 -2.64 9.51
C ALA A 327 -23.32 -2.10 10.93
N ALA A 328 -23.13 -2.97 11.92
CA ALA A 328 -22.75 -2.58 13.30
C ALA A 328 -21.30 -2.11 13.32
N THR A 329 -21.03 -1.00 12.63
CA THR A 329 -19.70 -0.33 12.59
C THR A 329 -19.50 0.39 13.92
N PRO A 330 -18.24 0.68 14.34
CA PRO A 330 -18.02 1.54 15.50
C PRO A 330 -18.60 2.95 15.28
N ARG A 331 -18.64 3.43 14.02
CA ARG A 331 -19.25 4.72 13.65
C ARG A 331 -20.73 4.71 14.08
N LEU A 332 -21.47 3.65 13.74
CA LEU A 332 -22.93 3.54 14.04
C LEU A 332 -23.15 3.52 15.55
N ALA A 333 -22.25 2.85 16.31
CA ALA A 333 -22.34 2.73 17.78
C ALA A 333 -22.19 4.11 18.44
N LEU A 334 -21.39 5.00 17.85
CA LEU A 334 -21.13 6.34 18.42
C LEU A 334 -22.20 7.34 17.94
N GLN A 335 -22.96 7.03 16.89
CA GLN A 335 -24.05 7.90 16.38
C GLN A 335 -25.02 8.18 17.52
N PRO A 336 -25.25 9.46 17.90
CA PRO A 336 -26.35 9.82 18.79
C PRO A 336 -27.69 9.74 18.02
N ARG A 337 -28.80 9.58 18.76
CA ARG A 337 -30.18 9.44 18.25
C ARG A 337 -31.05 10.60 18.77
N GLY B 35 38.33 14.13 -9.38
CA GLY B 35 37.81 15.12 -8.38
C GLY B 35 37.63 14.50 -7.00
N ALA B 36 37.04 15.26 -6.09
CA ALA B 36 36.79 14.84 -4.69
C ALA B 36 35.71 13.75 -4.64
N THR B 37 35.75 12.92 -3.60
CA THR B 37 34.73 11.89 -3.28
C THR B 37 33.83 12.42 -2.15
N ALA B 38 32.51 12.27 -2.29
CA ALA B 38 31.50 12.67 -1.29
C ALA B 38 30.94 11.40 -0.63
N MET B 39 30.50 11.53 0.63
CA MET B 39 29.83 10.42 1.36
C MET B 39 28.36 10.80 1.57
N LEU B 40 27.44 10.18 0.81
CA LEU B 40 25.98 10.48 0.84
C LEU B 40 25.26 9.48 1.75
N PHE B 41 24.26 9.96 2.49
CA PHE B 41 23.41 9.10 3.35
C PHE B 41 22.00 9.12 2.79
N PRO B 42 21.39 7.95 2.54
CA PRO B 42 20.11 7.88 1.86
C PRO B 42 18.95 8.08 2.83
N GLY B 43 17.82 8.56 2.30
CA GLY B 43 16.51 8.57 2.98
C GLY B 43 16.09 7.14 3.29
N MET B 44 15.31 6.97 4.35
CA MET B 44 14.92 5.63 4.85
C MET B 44 13.91 4.99 3.90
N GLY B 45 14.25 3.85 3.30
CA GLY B 45 13.32 2.97 2.58
C GLY B 45 12.54 2.07 3.55
N PRO B 46 11.53 1.32 3.09
CA PRO B 46 10.71 0.50 3.98
C PRO B 46 11.48 -0.69 4.57
N PHE B 55 23.26 -9.34 8.42
CA PHE B 55 24.31 -8.29 8.23
C PHE B 55 24.56 -7.54 9.55
N MET B 56 23.50 -7.26 10.30
CA MET B 56 23.57 -6.53 11.60
C MET B 56 24.32 -7.38 12.63
N VAL B 57 24.21 -8.70 12.53
CA VAL B 57 24.84 -9.68 13.46
C VAL B 57 26.21 -10.11 12.91
N THR B 58 26.38 -10.14 11.59
CA THR B 58 27.66 -10.49 10.91
C THR B 58 28.65 -9.32 11.05
N ASN B 59 28.38 -8.21 10.36
CA ASN B 59 29.29 -7.05 10.22
C ASN B 59 29.78 -6.63 11.61
N ARG B 60 31.07 -6.27 11.72
CA ARG B 60 31.73 -5.91 13.01
C ARG B 60 31.39 -4.46 13.37
N TYR B 61 31.31 -3.57 12.38
CA TYR B 61 31.03 -2.13 12.54
C TYR B 61 29.63 -1.96 13.14
N THR B 62 28.65 -2.74 12.63
CA THR B 62 27.25 -2.77 13.16
C THR B 62 27.27 -3.22 14.63
N ARG B 63 27.88 -4.37 14.90
CA ARG B 63 28.01 -4.96 16.27
C ARG B 63 28.65 -3.92 17.20
N GLU B 64 29.65 -3.18 16.68
CA GLU B 64 30.39 -2.12 17.39
C GLU B 64 29.42 -1.04 17.86
N LEU B 65 28.49 -0.64 16.97
CA LEU B 65 27.52 0.47 17.19
C LEU B 65 26.30 -0.05 17.96
N LEU B 66 25.76 -1.21 17.58
CA LEU B 66 24.58 -1.85 18.22
C LEU B 66 24.78 -1.92 19.73
N ALA B 67 26.01 -2.21 20.18
CA ALA B 67 26.39 -2.33 21.61
C ALA B 67 26.34 -0.94 22.27
N GLU B 68 26.92 0.06 21.60
CA GLU B 68 26.87 1.50 22.00
C GLU B 68 25.40 1.94 22.04
N ALA B 69 24.58 1.48 21.08
CA ALA B 69 23.14 1.84 20.93
C ALA B 69 22.31 1.18 22.02
N ASP B 70 22.51 -0.13 22.26
CA ASP B 70 21.77 -0.93 23.28
C ASP B 70 22.01 -0.28 24.66
N ASP B 71 23.25 0.18 24.90
CA ASP B 71 23.70 0.87 26.14
C ASP B 71 22.89 2.17 26.30
N THR B 72 22.90 3.01 25.26
CA THR B 72 22.19 4.32 25.19
C THR B 72 20.70 4.12 25.43
N LEU B 73 20.14 3.00 24.97
CA LEU B 73 18.72 2.60 25.15
C LEU B 73 18.61 1.75 26.42
N ALA B 84 9.94 -6.43 15.20
CA ALA B 84 9.08 -5.22 15.12
C ALA B 84 8.08 -5.33 13.95
N GLU B 85 6.91 -4.69 14.10
CA GLU B 85 5.83 -4.63 13.08
C GLU B 85 5.93 -3.30 12.32
N GLY B 86 5.38 -3.24 11.10
CA GLY B 86 5.39 -2.06 10.22
C GLY B 86 6.59 -2.05 9.27
N ASP B 87 6.90 -0.88 8.70
CA ASP B 87 8.08 -0.64 7.82
C ASP B 87 9.03 0.38 8.44
N TYR B 88 8.48 1.40 9.10
CA TYR B 88 9.19 2.57 9.66
C TYR B 88 8.94 2.63 11.18
N SER B 89 9.12 1.50 11.87
CA SER B 89 9.00 1.35 13.34
C SER B 89 10.00 2.27 14.07
N GLU B 90 9.75 2.54 15.35
CA GLU B 90 10.66 3.28 16.28
C GLU B 90 12.06 2.64 16.19
N TYR B 91 12.12 1.31 16.24
CA TYR B 91 13.37 0.49 16.28
C TYR B 91 13.91 0.31 14.86
N ALA B 92 13.03 0.23 13.87
CA ALA B 92 13.39 0.22 12.43
C ALA B 92 14.22 1.47 12.12
N GLN B 93 13.77 2.61 12.66
CA GLN B 93 14.40 3.94 12.44
C GLN B 93 15.82 3.94 13.04
N ILE B 94 15.96 3.57 14.33
CA ILE B 94 17.29 3.50 15.01
C ILE B 94 18.20 2.62 14.14
N ALA B 95 17.75 1.39 13.87
CA ALA B 95 18.49 0.37 13.11
C ALA B 95 19.02 0.99 11.82
N PHE B 96 18.18 1.73 11.08
CA PHE B 96 18.55 2.34 9.78
C PHE B 96 19.80 3.22 9.97
N LEU B 97 19.83 3.98 11.07
CA LEU B 97 20.97 4.89 11.43
C LEU B 97 22.22 4.05 11.64
N VAL B 98 22.12 3.05 12.52
CA VAL B 98 23.23 2.10 12.85
C VAL B 98 23.83 1.62 11.52
N ASN B 99 22.99 1.06 10.66
CA ASN B 99 23.41 0.35 9.41
C ASN B 99 24.11 1.36 8.48
N CYS B 100 23.48 2.50 8.19
CA CYS B 100 24.00 3.54 7.26
C CYS B 100 25.37 4.05 7.76
N VAL B 101 25.46 4.38 9.04
CA VAL B 101 26.68 4.93 9.69
C VAL B 101 27.77 3.85 9.65
N ALA B 102 27.47 2.65 10.17
CA ALA B 102 28.36 1.46 10.11
C ALA B 102 28.91 1.31 8.68
N LEU B 103 28.01 1.26 7.70
CA LEU B 103 28.34 1.04 6.27
C LEU B 103 29.18 2.22 5.77
N ALA B 104 28.90 3.43 6.26
CA ALA B 104 29.69 4.64 5.93
C ALA B 104 31.15 4.42 6.35
N ARG B 105 31.37 3.94 7.58
CA ARG B 105 32.72 3.62 8.11
C ARG B 105 33.30 2.43 7.34
N TRP B 106 32.58 1.31 7.31
CA TRP B 106 32.97 0.07 6.60
C TRP B 106 33.54 0.39 5.22
N ALA B 107 32.82 1.20 4.44
CA ALA B 107 33.19 1.60 3.06
C ALA B 107 34.54 2.31 3.09
N GLU B 108 34.69 3.31 3.97
CA GLU B 108 35.94 4.11 4.14
C GLU B 108 37.13 3.17 4.33
N GLN B 109 37.09 2.32 5.35
CA GLN B 109 38.22 1.43 5.75
C GLN B 109 38.50 0.45 4.60
N THR B 110 37.52 -0.36 4.19
CA THR B 110 37.67 -1.45 3.20
C THR B 110 38.16 -0.90 1.84
N MET B 111 37.62 0.23 1.38
CA MET B 111 37.88 0.77 0.00
C MET B 111 38.79 2.00 0.05
N ASP B 112 39.41 2.28 1.21
CA ASP B 112 40.31 3.44 1.43
C ASP B 112 39.74 4.69 0.73
N LEU B 113 38.51 5.06 1.11
CA LEU B 113 37.85 6.33 0.71
C LEU B 113 38.22 7.40 1.74
N THR B 114 38.46 8.64 1.30
CA THR B 114 38.67 9.82 2.20
C THR B 114 37.76 10.96 1.73
N PRO B 115 36.47 10.98 2.16
CA PRO B 115 35.52 12.01 1.70
C PRO B 115 35.96 13.44 2.05
N ARG B 116 35.74 14.39 1.14
CA ARG B 116 36.09 15.83 1.31
C ARG B 116 34.83 16.63 1.73
N ILE B 117 33.66 15.99 1.67
CA ILE B 117 32.33 16.62 1.95
C ILE B 117 31.28 15.49 2.07
N CYS B 118 30.29 15.66 2.94
CA CYS B 118 29.20 14.67 3.14
C CYS B 118 27.85 15.36 2.95
N ALA B 119 26.80 14.56 2.75
CA ALA B 119 25.39 15.00 2.56
C ALA B 119 24.44 13.87 2.99
N GLY B 120 23.24 14.24 3.43
CA GLY B 120 22.16 13.31 3.82
C GLY B 120 20.81 13.86 3.38
N ALA B 121 19.93 12.97 2.90
CA ALA B 121 18.55 13.30 2.46
C ALA B 121 17.55 12.83 3.52
N CYS B 122 16.64 13.71 3.92
CA CYS B 122 15.64 13.47 4.98
C CYS B 122 16.30 12.75 6.17
N PHE B 123 16.00 11.47 6.40
CA PHE B 123 16.55 10.69 7.54
C PHE B 123 18.08 10.71 7.47
N GLY B 124 18.63 10.69 6.24
CA GLY B 124 20.07 10.88 5.96
C GLY B 124 20.70 11.96 6.84
N GLU B 125 19.97 13.04 7.10
CA GLU B 125 20.39 14.15 7.99
C GLU B 125 20.85 13.56 9.34
N LYS B 126 20.07 12.64 9.92
CA LYS B 126 20.39 11.99 11.22
C LYS B 126 21.70 11.21 11.08
N SER B 127 21.92 10.58 9.94
CA SER B 127 23.13 9.76 9.66
C SER B 127 24.35 10.70 9.49
N VAL B 128 24.25 11.76 8.68
CA VAL B 128 25.40 12.70 8.47
C VAL B 128 25.73 13.37 9.79
N ALA B 129 24.72 13.64 10.62
CA ALA B 129 24.92 14.26 11.95
C ALA B 129 25.98 13.45 12.69
N ALA B 130 25.73 12.16 12.88
CA ALA B 130 26.63 11.20 13.59
C ALA B 130 27.98 11.14 12.87
N TYR B 131 27.97 10.79 11.58
CA TYR B 131 29.17 10.59 10.73
C TYR B 131 30.06 11.84 10.76
N SER B 132 29.50 13.01 10.48
CA SER B 132 30.24 14.31 10.39
C SER B 132 30.80 14.69 11.77
N GLY B 133 30.36 14.00 12.83
CA GLY B 133 30.80 14.26 14.21
C GLY B 133 29.92 15.31 14.85
N ALA B 134 29.10 16.02 14.07
CA ALA B 134 28.19 17.09 14.52
C ALA B 134 27.47 16.67 15.82
N LEU B 135 27.18 15.38 15.98
CA LEU B 135 26.68 14.77 17.25
C LEU B 135 27.49 13.52 17.57
N THR B 136 27.79 13.29 18.85
CA THR B 136 28.21 11.96 19.39
C THR B 136 27.23 10.94 18.83
N PHE B 137 27.66 9.69 18.59
CA PHE B 137 26.77 8.62 18.07
C PHE B 137 25.62 8.35 19.06
N ALA B 138 25.88 8.40 20.38
CA ALA B 138 24.85 8.14 21.42
C ALA B 138 23.82 9.27 21.40
N ASP B 139 24.25 10.53 21.20
CA ASP B 139 23.33 11.69 21.05
C ASP B 139 22.44 11.48 19.83
N ALA B 140 23.07 11.18 18.67
CA ALA B 140 22.36 10.85 17.41
C ALA B 140 21.29 9.79 17.67
N VAL B 141 21.63 8.70 18.39
CA VAL B 141 20.68 7.61 18.74
C VAL B 141 19.54 8.21 19.56
N ARG B 142 19.86 8.94 20.63
CA ARG B 142 18.85 9.61 21.51
C ARG B 142 17.93 10.44 20.62
N MET B 143 18.51 11.23 19.70
CA MET B 143 17.76 12.12 18.77
C MET B 143 16.84 11.28 17.88
N THR B 144 17.43 10.38 17.09
CA THR B 144 16.74 9.53 16.09
C THR B 144 15.59 8.77 16.77
N ALA B 145 15.78 8.35 18.02
CA ALA B 145 14.75 7.72 18.88
C ALA B 145 13.66 8.74 19.21
N GLY B 146 14.05 9.89 19.76
CA GLY B 146 13.13 10.96 20.21
C GLY B 146 12.20 11.41 19.10
N LEU B 147 12.75 11.65 17.90
CA LEU B 147 12.00 12.11 16.71
C LEU B 147 11.03 11.01 16.26
N ALA B 148 11.55 9.78 16.09
CA ALA B 148 10.78 8.56 15.78
C ALA B 148 9.52 8.49 16.66
N ARG B 149 9.65 8.79 17.95
CA ARG B 149 8.56 8.70 18.96
C ARG B 149 7.61 9.89 18.81
N CYS B 150 8.15 11.08 18.50
CA CYS B 150 7.36 12.34 18.33
C CYS B 150 6.43 12.18 17.13
N MET B 151 6.95 11.59 16.05
CA MET B 151 6.21 11.30 14.79
C MET B 151 5.15 10.23 15.06
N ASP B 152 5.56 9.07 15.60
CA ASP B 152 4.63 7.96 15.99
C ASP B 152 3.40 8.61 16.62
N GLU B 153 3.61 9.40 17.68
CA GLU B 153 2.55 10.03 18.51
C GLU B 153 1.81 11.10 17.69
N TYR B 154 2.50 11.79 16.77
CA TYR B 154 1.93 12.85 15.91
C TYR B 154 0.89 12.27 14.94
N PHE B 155 1.29 11.26 14.16
CA PHE B 155 0.50 10.73 13.02
C PHE B 155 -0.70 9.93 13.53
N ARG B 156 -0.77 9.68 14.82
CA ARG B 156 -1.90 8.95 15.46
C ARG B 156 -3.14 9.85 15.45
N THR B 157 -2.97 11.17 15.48
CA THR B 157 -4.09 12.16 15.54
C THR B 157 -4.06 13.11 14.33
N GLU B 158 -2.89 13.60 13.91
CA GLU B 158 -2.74 14.63 12.85
C GLU B 158 -2.43 13.96 11.50
N HIS B 159 -2.99 14.51 10.42
CA HIS B 159 -2.79 14.10 9.00
C HIS B 159 -3.28 12.68 8.74
N LEU B 160 -4.34 12.25 9.43
CA LEU B 160 -4.97 10.92 9.18
C LEU B 160 -5.40 10.88 7.72
N GLY B 161 -5.16 9.76 7.04
CA GLY B 161 -5.61 9.52 5.66
C GLY B 161 -4.79 10.28 4.62
N VAL B 162 -3.78 11.05 5.05
CA VAL B 162 -2.83 11.73 4.12
C VAL B 162 -1.77 10.72 3.68
N VAL B 163 -1.28 10.88 2.46
CA VAL B 163 -0.49 9.87 1.68
C VAL B 163 0.51 10.61 0.78
N THR B 164 1.79 10.24 0.83
CA THR B 164 2.82 10.66 -0.16
C THR B 164 2.82 9.65 -1.30
N HIS B 165 2.73 10.10 -2.56
CA HIS B 165 2.74 9.26 -3.78
C HIS B 165 4.05 9.53 -4.52
N SER B 166 4.98 8.59 -4.51
CA SER B 166 6.20 8.60 -5.36
C SER B 166 5.81 8.21 -6.80
N PHE B 167 6.37 8.89 -7.80
CA PHE B 167 6.13 8.59 -9.23
C PHE B 167 7.27 9.17 -10.10
N VAL B 168 7.56 8.48 -11.21
CA VAL B 168 8.69 8.78 -12.13
C VAL B 168 8.17 8.79 -13.58
N ARG B 169 8.92 9.44 -14.48
CA ARG B 169 8.54 9.79 -15.89
C ARG B 169 7.30 10.70 -15.86
N ALA B 170 7.28 11.67 -14.94
CA ALA B 170 6.30 12.78 -14.86
C ALA B 170 7.02 14.10 -15.03
N PRO B 171 7.24 14.55 -16.28
CA PRO B 171 7.97 15.80 -16.54
C PRO B 171 7.27 17.00 -15.89
N ARG B 172 8.06 18.00 -15.49
CA ARG B 172 7.58 19.16 -14.68
C ARG B 172 6.33 19.75 -15.34
N GLU B 173 6.29 19.79 -16.67
CA GLU B 173 5.15 20.36 -17.45
C GLU B 173 3.87 19.57 -17.16
N ARG B 174 3.99 18.25 -16.99
CA ARG B 174 2.85 17.30 -16.91
C ARG B 174 2.31 17.26 -15.47
N LEU B 175 3.20 17.37 -14.48
CA LEU B 175 2.81 17.49 -13.05
C LEU B 175 1.97 18.76 -12.88
N ASP B 176 2.47 19.90 -13.37
CA ASP B 176 1.84 21.24 -13.19
C ASP B 176 0.40 21.23 -13.70
N GLU B 177 0.12 20.44 -14.75
CA GLU B 177 -1.26 20.22 -15.26
C GLU B 177 -2.11 19.59 -14.16
N ILE B 178 -1.58 18.58 -13.46
CA ILE B 178 -2.27 17.83 -12.38
C ILE B 178 -2.40 18.74 -11.16
N LEU B 179 -1.33 19.42 -10.77
CA LEU B 179 -1.34 20.33 -9.59
C LEU B 179 -2.38 21.44 -9.82
N ALA B 180 -2.55 21.86 -11.09
CA ALA B 180 -3.54 22.87 -11.51
C ALA B 180 -4.96 22.35 -11.23
N GLU B 181 -5.22 21.09 -11.59
CA GLU B 181 -6.52 20.41 -11.36
C GLU B 181 -6.81 20.31 -9.86
N LEU B 182 -5.77 20.11 -9.04
CA LEU B 182 -5.92 20.02 -7.57
C LEU B 182 -6.25 21.42 -7.04
N ASP B 183 -5.52 22.45 -7.49
CA ASP B 183 -5.84 23.88 -7.23
C ASP B 183 -7.33 24.11 -7.54
N GLU B 184 -7.77 23.71 -8.74
CA GLU B 184 -9.14 23.96 -9.25
C GLU B 184 -10.14 23.16 -8.42
N ARG B 185 -9.77 21.93 -8.03
CA ARG B 185 -10.61 21.05 -7.17
C ARG B 185 -10.55 21.56 -5.72
N GLY B 186 -9.57 22.43 -5.43
CA GLY B 186 -9.35 23.00 -4.08
C GLY B 186 -8.93 21.94 -3.09
N GLU B 187 -8.05 21.02 -3.51
CA GLU B 187 -7.57 19.86 -2.71
C GLU B 187 -6.17 20.12 -2.19
N TRP B 188 -6.03 20.25 -0.86
CA TRP B 188 -4.73 20.44 -0.15
C TRP B 188 -3.71 19.46 -0.70
N HIS B 189 -2.54 19.95 -1.09
CA HIS B 189 -1.48 19.12 -1.74
C HIS B 189 -0.12 19.81 -1.63
N GLU B 190 0.95 19.02 -1.66
CA GLU B 190 2.33 19.49 -1.41
C GLU B 190 3.31 18.56 -2.13
N ILE B 191 4.13 19.11 -3.04
CA ILE B 191 5.34 18.42 -3.56
C ILE B 191 6.32 18.32 -2.39
N SER B 192 6.44 17.12 -1.82
CA SER B 192 7.17 16.83 -0.55
C SER B 192 8.66 16.59 -0.81
N CYS B 193 9.02 16.06 -1.99
CA CYS B 193 10.43 15.84 -2.43
C CYS B 193 10.54 16.08 -3.94
N HIS B 194 11.53 16.89 -4.35
CA HIS B 194 12.03 17.01 -5.73
C HIS B 194 13.23 16.05 -5.86
N ILE B 195 13.10 15.03 -6.72
CA ILE B 195 14.10 13.94 -6.86
C ILE B 195 14.89 14.15 -8.17
N ASP B 196 14.16 14.27 -9.27
CA ASP B 196 14.74 14.53 -10.62
C ASP B 196 13.70 15.31 -11.43
N HIS B 197 14.08 15.74 -12.63
CA HIS B 197 13.25 16.60 -13.54
C HIS B 197 11.85 15.98 -13.67
N ASP B 198 11.77 14.65 -13.69
CA ASP B 198 10.51 13.91 -13.97
C ASP B 198 10.26 12.88 -12.87
N PHE B 199 10.49 13.25 -11.61
CA PHE B 199 10.42 12.32 -10.45
C PHE B 199 10.15 13.16 -9.19
N PHE B 200 8.93 13.07 -8.66
CA PHE B 200 8.49 13.83 -7.48
C PHE B 200 7.66 12.93 -6.56
N MET B 201 7.71 13.23 -5.27
CA MET B 201 6.75 12.72 -4.25
C MET B 201 5.70 13.80 -4.06
N LEU B 202 4.43 13.44 -4.17
CA LEU B 202 3.26 14.34 -3.97
C LEU B 202 2.44 13.88 -2.77
N THR B 203 2.34 14.69 -1.72
CA THR B 203 1.55 14.38 -0.51
C THR B 203 0.18 15.04 -0.62
N LEU B 204 -0.90 14.27 -0.41
CA LEU B 204 -2.30 14.77 -0.36
C LEU B 204 -3.20 13.71 0.29
N HIS B 205 -4.50 13.99 0.43
CA HIS B 205 -5.47 13.07 1.06
C HIS B 205 -5.69 11.86 0.14
N GLU B 206 -5.96 10.69 0.73
CA GLU B 206 -6.07 9.40 0.01
C GLU B 206 -7.32 9.38 -0.90
N ARG B 207 -8.32 10.23 -0.61
CA ARG B 207 -9.51 10.41 -1.47
C ARG B 207 -9.12 10.84 -2.90
N ASN B 208 -7.83 11.10 -3.13
CA ASN B 208 -7.28 11.53 -4.45
C ASN B 208 -6.48 10.41 -5.11
N SER B 209 -6.16 9.34 -4.36
CA SER B 209 -5.16 8.31 -4.77
C SER B 209 -5.54 7.77 -6.16
N VAL B 210 -6.74 7.19 -6.30
CA VAL B 210 -7.25 6.57 -7.56
C VAL B 210 -7.20 7.63 -8.68
N TRP B 211 -7.83 8.78 -8.44
CA TRP B 211 -7.85 9.97 -9.33
C TRP B 211 -6.44 10.24 -9.87
N LEU B 212 -5.47 10.36 -8.95
CA LEU B 212 -4.09 10.81 -9.26
C LEU B 212 -3.40 9.77 -10.15
N GLU B 213 -3.41 8.51 -9.73
CA GLU B 213 -2.74 7.41 -10.48
C GLU B 213 -3.34 7.38 -11.89
N GLY B 214 -4.65 7.62 -12.01
CA GLY B 214 -5.36 7.75 -13.28
C GLY B 214 -4.67 8.72 -14.20
N ARG B 215 -4.41 9.94 -13.71
CA ARG B 215 -3.85 11.08 -14.49
C ARG B 215 -2.36 10.82 -14.80
N LEU B 216 -1.62 10.30 -13.82
CA LEU B 216 -0.17 9.98 -13.96
C LEU B 216 0.03 8.99 -15.11
N ARG B 217 -0.83 7.98 -15.23
CA ARG B 217 -0.72 6.97 -16.30
C ARG B 217 -1.14 7.60 -17.64
N SER B 218 -2.12 8.49 -17.63
CA SER B 218 -2.55 9.28 -18.82
C SER B 218 -1.32 9.90 -19.47
N VAL B 219 -0.57 10.70 -18.71
CA VAL B 219 0.64 11.41 -19.22
C VAL B 219 1.76 10.39 -19.46
N GLY B 220 1.59 9.15 -19.01
CA GLY B 220 2.52 8.04 -19.28
C GLY B 220 3.65 8.01 -18.28
N ALA B 221 3.41 8.53 -17.07
CA ALA B 221 4.29 8.39 -15.90
C ALA B 221 3.93 7.09 -15.20
N MET B 222 4.77 6.62 -14.28
CA MET B 222 4.56 5.33 -13.58
C MET B 222 4.50 5.59 -12.08
N PRO B 223 3.33 5.38 -11.45
CA PRO B 223 3.23 5.41 -9.99
C PRO B 223 4.19 4.34 -9.42
N LEU B 224 4.80 4.60 -8.26
CA LEU B 224 5.85 3.74 -7.66
C LEU B 224 5.45 3.23 -6.28
N TYR B 225 4.93 4.09 -5.40
CA TYR B 225 4.75 3.78 -3.96
C TYR B 225 3.83 4.82 -3.32
N ALA B 226 3.00 4.38 -2.38
CA ALA B 226 2.13 5.24 -1.54
C ALA B 226 2.56 5.13 -0.07
N MET B 227 3.36 6.09 0.41
CA MET B 227 3.77 6.26 1.83
C MET B 227 2.55 6.64 2.68
N ARG B 228 2.44 6.06 3.88
CA ARG B 228 1.29 6.27 4.80
C ARG B 228 1.67 5.69 6.16
N PRO B 229 1.78 6.50 7.24
CA PRO B 229 1.60 7.95 7.18
C PRO B 229 2.72 8.68 6.45
N PRO B 230 2.46 9.91 5.95
CA PRO B 230 3.36 10.57 4.99
C PRO B 230 4.59 11.18 5.67
N MET B 231 5.51 10.35 6.15
CA MET B 231 6.61 10.74 7.07
C MET B 231 7.62 11.68 6.39
N HIS B 232 7.85 11.53 5.08
CA HIS B 232 8.90 12.28 4.36
C HIS B 232 8.31 13.58 3.78
N ALA B 233 7.02 13.82 3.99
CA ALA B 233 6.35 15.10 3.65
C ALA B 233 6.96 16.22 4.50
N ALA B 234 6.68 17.49 4.17
CA ALA B 234 7.33 18.66 4.80
C ALA B 234 6.30 19.75 5.09
N ALA B 235 5.16 19.37 5.68
CA ALA B 235 4.06 20.29 6.05
C ALA B 235 3.61 19.97 7.48
N PHE B 236 4.54 20.01 8.43
CA PHE B 236 4.33 19.65 9.86
C PHE B 236 4.93 20.73 10.77
N GLY B 237 4.52 21.98 10.60
CA GLY B 237 4.88 23.09 11.50
C GLY B 237 4.68 22.68 12.95
N GLY B 238 3.53 22.05 13.25
CA GLY B 238 3.16 21.58 14.59
C GLY B 238 4.27 20.72 15.19
N LEU B 239 4.68 19.70 14.46
CA LEU B 239 5.72 18.71 14.87
C LEU B 239 7.04 19.43 15.13
N ARG B 240 7.50 20.26 14.19
CA ARG B 240 8.81 20.98 14.23
C ARG B 240 8.99 21.63 15.61
N ASP B 241 7.97 22.31 16.11
CA ASP B 241 8.04 23.07 17.38
C ASP B 241 8.25 22.08 18.53
N LYS B 242 7.44 21.02 18.58
CA LYS B 242 7.44 19.98 19.66
C LYS B 242 8.73 19.15 19.59
N ALA B 243 9.28 18.93 18.40
CA ALA B 243 10.56 18.22 18.20
C ALA B 243 11.73 19.04 18.79
N GLU B 244 11.71 20.36 18.56
CA GLU B 244 12.73 21.31 19.09
C GLU B 244 12.73 21.30 20.63
N GLU B 245 11.55 21.38 21.25
CA GLU B 245 11.38 21.43 22.74
C GLU B 245 11.96 20.14 23.35
N GLU B 246 11.48 18.99 22.90
CA GLU B 246 11.55 17.69 23.62
C GLU B 246 12.76 16.85 23.17
N VAL B 247 13.43 17.18 22.06
CA VAL B 247 14.44 16.27 21.45
C VAL B 247 15.73 17.01 21.07
N ILE B 248 15.65 18.06 20.23
CA ILE B 248 16.82 18.72 19.59
C ILE B 248 17.47 19.73 20.57
N ALA B 249 16.68 20.38 21.43
CA ALA B 249 17.13 21.43 22.36
C ALA B 249 18.09 20.85 23.40
N PRO B 250 17.72 19.79 24.16
CA PRO B 250 18.60 19.24 25.19
C PRO B 250 19.97 18.80 24.66
N LEU B 251 20.05 18.48 23.37
CA LEU B 251 21.28 17.96 22.71
C LEU B 251 22.28 19.09 22.51
N THR B 252 23.51 18.71 22.16
CA THR B 252 24.70 19.60 22.13
C THR B 252 25.50 19.25 20.87
N PHE B 253 25.52 20.17 19.91
CA PHE B 253 25.99 19.97 18.51
C PHE B 253 27.37 20.59 18.31
N HIS B 254 28.36 19.77 17.99
CA HIS B 254 29.74 20.20 17.66
C HIS B 254 29.78 20.53 16.16
N ASP B 255 30.74 21.34 15.73
CA ASP B 255 31.00 21.65 14.30
C ASP B 255 31.38 20.34 13.62
N PRO B 256 30.83 20.03 12.42
CA PRO B 256 31.16 18.78 11.73
C PRO B 256 32.61 18.83 11.21
N THR B 257 33.25 17.66 11.17
CA THR B 257 34.69 17.48 10.83
C THR B 257 34.90 17.73 9.33
N LEU B 258 33.81 17.92 8.58
CA LEU B 258 33.84 18.25 7.12
C LEU B 258 32.51 18.89 6.73
N PRO B 259 32.47 19.66 5.61
CA PRO B 259 31.22 20.28 5.17
C PRO B 259 30.08 19.27 5.02
N VAL B 260 28.84 19.73 5.26
CA VAL B 260 27.57 18.94 5.14
C VAL B 260 26.66 19.73 4.22
N VAL B 261 26.15 19.12 3.14
CA VAL B 261 25.19 19.80 2.20
C VAL B 261 23.77 19.50 2.68
N ALA B 262 22.89 20.50 2.56
CA ALA B 262 21.52 20.51 3.13
C ALA B 262 20.49 20.17 2.05
N ASP B 263 19.60 19.21 2.31
CA ASP B 263 18.60 18.70 1.34
C ASP B 263 17.63 19.81 0.89
N GLN B 264 17.36 20.81 1.73
CA GLN B 264 16.36 21.90 1.45
C GLN B 264 16.78 22.73 0.23
N ASP B 265 18.02 23.22 0.22
CA ASP B 265 18.50 24.31 -0.67
C ASP B 265 19.88 23.98 -1.27
N GLY B 266 20.58 22.98 -0.75
CA GLY B 266 21.93 22.59 -1.22
C GLY B 266 23.03 23.45 -0.61
N LYS B 267 22.71 24.31 0.37
CA LYS B 267 23.71 25.17 1.06
C LYS B 267 24.72 24.28 1.79
N VAL B 268 26.00 24.67 1.79
CA VAL B 268 27.10 23.98 2.50
C VAL B 268 27.15 24.49 3.95
N LEU B 269 26.95 23.59 4.92
CA LEU B 269 26.98 23.90 6.37
C LEU B 269 28.37 23.53 6.91
N THR B 270 28.85 24.22 7.95
CA THR B 270 30.16 23.94 8.61
C THR B 270 30.08 24.08 10.13
N THR B 271 28.90 24.32 10.71
CA THR B 271 28.72 24.63 12.15
C THR B 271 27.61 23.76 12.75
N GLY B 272 27.88 23.17 13.91
CA GLY B 272 26.92 22.34 14.67
C GLY B 272 25.54 22.98 14.67
N ASP B 273 25.47 24.31 14.64
CA ASP B 273 24.20 25.08 14.69
C ASP B 273 23.48 24.88 13.36
N GLU B 274 24.19 25.08 12.25
CA GLU B 274 23.60 24.90 10.89
C GLU B 274 22.98 23.50 10.76
N VAL B 275 23.66 22.47 11.28
CA VAL B 275 23.19 21.04 11.29
C VAL B 275 21.85 20.95 12.04
N ARG B 276 21.83 21.43 13.29
CA ARG B 276 20.64 21.54 14.16
C ARG B 276 19.44 22.04 13.33
N THR B 277 19.64 23.12 12.59
CA THR B 277 18.62 23.77 11.72
C THR B 277 18.21 22.80 10.62
N MET B 278 19.18 22.31 9.85
CA MET B 278 18.99 21.35 8.74
C MET B 278 17.93 20.32 9.16
N LEU B 279 18.05 19.81 10.39
CA LEU B 279 17.23 18.70 10.95
C LEU B 279 15.81 19.20 11.21
N LEU B 280 15.68 20.36 11.85
CA LEU B 280 14.37 20.99 12.16
C LEU B 280 13.68 21.41 10.86
N GLU B 281 14.42 22.05 9.95
CA GLU B 281 13.90 22.59 8.66
C GLU B 281 13.15 21.49 7.88
N SER B 282 13.59 20.23 8.00
CA SER B 282 13.07 19.06 7.24
C SER B 282 11.61 18.72 7.63
N PHE B 283 11.02 19.38 8.64
CA PHE B 283 9.59 19.21 9.03
C PHE B 283 8.71 20.17 8.22
N VAL B 284 9.32 21.16 7.57
CA VAL B 284 8.57 22.27 6.90
C VAL B 284 9.23 22.65 5.57
N ARG B 285 10.34 22.00 5.19
CA ARG B 285 11.07 22.35 3.95
C ARG B 285 11.39 21.07 3.19
N PRO B 286 10.77 20.90 2.00
CA PRO B 286 10.92 19.69 1.20
C PRO B 286 12.35 19.43 0.71
N LEU B 287 12.68 18.15 0.51
CA LEU B 287 13.94 17.68 -0.11
C LEU B 287 14.01 18.22 -1.54
N ARG B 288 15.15 18.80 -1.91
CA ARG B 288 15.47 19.26 -3.29
C ARG B 288 16.78 18.58 -3.71
N TRP B 289 16.70 17.32 -4.11
CA TRP B 289 17.87 16.47 -4.43
C TRP B 289 18.69 17.09 -5.55
N PRO B 290 18.08 17.60 -6.65
CA PRO B 290 18.82 18.30 -7.70
C PRO B 290 19.79 19.35 -7.14
N ASP B 291 19.33 20.19 -6.19
CA ASP B 291 20.11 21.29 -5.56
C ASP B 291 21.34 20.71 -4.84
N VAL B 292 21.16 19.57 -4.16
CA VAL B 292 22.25 18.89 -3.40
C VAL B 292 23.33 18.47 -4.41
N ILE B 293 22.93 17.82 -5.50
CA ILE B 293 23.83 17.37 -6.61
C ILE B 293 24.52 18.62 -7.19
N SER B 294 23.74 19.55 -7.73
CA SER B 294 24.21 20.86 -8.29
C SER B 294 25.30 21.45 -7.38
N SER B 295 25.09 21.37 -6.06
CA SER B 295 25.97 21.95 -5.00
C SER B 295 27.22 21.08 -4.81
N LEU B 296 27.06 19.75 -4.72
CA LEU B 296 28.20 18.80 -4.63
C LEU B 296 29.09 18.96 -5.87
N GLN B 297 28.48 19.10 -7.06
CA GLN B 297 29.21 19.37 -8.33
C GLN B 297 30.01 20.66 -8.19
N ASP B 298 29.37 21.74 -7.73
CA ASP B 298 30.04 23.04 -7.48
C ASP B 298 31.25 22.80 -6.58
N GLN B 299 31.14 21.91 -5.59
CA GLN B 299 32.24 21.58 -4.63
C GLN B 299 33.22 20.56 -5.24
N GLY B 300 33.14 20.32 -6.55
CA GLY B 300 34.16 19.56 -7.33
C GLY B 300 34.14 18.07 -7.07
N VAL B 301 32.96 17.51 -6.78
CA VAL B 301 32.77 16.05 -6.51
C VAL B 301 32.59 15.33 -7.85
N THR B 302 33.12 14.11 -7.94
CA THR B 302 32.99 13.19 -9.10
C THR B 302 32.51 11.82 -8.62
N ARG B 303 32.86 11.43 -7.39
CA ARG B 303 32.53 10.10 -6.81
C ARG B 303 31.68 10.29 -5.54
N VAL B 304 30.65 9.46 -5.38
CA VAL B 304 29.75 9.47 -4.20
C VAL B 304 29.63 8.03 -3.69
N CYS B 305 29.64 7.85 -2.36
CA CYS B 305 29.40 6.55 -1.70
C CYS B 305 28.09 6.62 -0.93
N VAL B 306 27.02 6.04 -1.48
CA VAL B 306 25.66 6.01 -0.86
C VAL B 306 25.63 4.90 0.20
N ALA B 307 25.82 5.28 1.46
CA ALA B 307 26.01 4.35 2.60
C ALA B 307 24.66 3.99 3.24
N GLY B 308 24.14 2.80 2.93
CA GLY B 308 22.98 2.19 3.62
C GLY B 308 22.06 1.45 2.65
N PRO B 309 21.07 0.69 3.18
CA PRO B 309 20.01 0.12 2.36
C PRO B 309 19.30 1.25 1.59
N ASP B 310 19.68 1.45 0.32
CA ASP B 310 19.11 2.44 -0.61
C ASP B 310 18.50 1.69 -1.80
N SER B 311 17.66 2.36 -2.58
CA SER B 311 17.08 1.83 -3.85
C SER B 311 16.69 2.99 -4.78
N LEU B 312 17.21 4.19 -4.52
CA LEU B 312 16.69 5.48 -5.04
C LEU B 312 17.82 6.49 -5.20
N PHE B 313 18.43 6.91 -4.09
CA PHE B 313 19.45 7.98 -4.06
C PHE B 313 20.72 7.53 -4.79
N GLY B 314 21.00 6.22 -4.75
CA GLY B 314 22.12 5.57 -5.46
C GLY B 314 21.77 5.20 -6.90
N ARG B 315 20.48 4.99 -7.18
CA ARG B 315 19.96 4.45 -8.46
C ARG B 315 19.52 5.59 -9.41
N VAL B 316 18.79 6.59 -8.90
CA VAL B 316 18.10 7.62 -9.72
C VAL B 316 19.13 8.40 -10.55
N GLY B 317 18.67 8.95 -11.68
CA GLY B 317 19.48 9.69 -12.67
C GLY B 317 20.20 10.87 -12.05
N THR B 318 19.48 11.72 -11.32
CA THR B 318 19.99 12.98 -10.71
C THR B 318 21.40 12.74 -10.14
N THR B 319 21.59 11.59 -9.47
CA THR B 319 22.89 11.13 -8.90
C THR B 319 23.75 10.50 -10.01
N THR B 320 23.23 9.47 -10.69
CA THR B 320 24.00 8.55 -11.58
C THR B 320 24.48 9.29 -12.83
N ARG B 321 23.78 10.36 -13.25
CA ARG B 321 24.18 11.20 -14.40
C ARG B 321 25.42 12.03 -14.04
N ALA B 322 25.59 12.37 -12.76
CA ALA B 322 26.57 13.38 -12.30
C ALA B 322 27.79 12.71 -11.65
N PHE B 323 27.61 11.56 -11.00
CA PHE B 323 28.66 10.94 -10.14
C PHE B 323 28.78 9.44 -10.39
N GLU B 324 29.97 8.91 -10.11
CA GLU B 324 30.28 7.46 -10.04
C GLU B 324 29.81 6.98 -8.66
N VAL B 325 28.72 6.20 -8.62
CA VAL B 325 28.03 5.79 -7.36
C VAL B 325 28.74 4.54 -6.80
N ILE B 326 28.80 4.43 -5.47
CA ILE B 326 29.28 3.24 -4.72
C ILE B 326 28.23 2.88 -3.67
N ALA B 327 27.31 1.97 -4.00
CA ALA B 327 26.20 1.58 -3.10
C ALA B 327 26.73 0.64 -2.01
N ALA B 328 27.11 1.20 -0.86
CA ALA B 328 27.48 0.43 0.35
C ALA B 328 26.22 -0.20 0.96
N THR B 329 25.59 -1.11 0.22
CA THR B 329 24.37 -1.86 0.65
C THR B 329 24.79 -2.92 1.66
N PRO B 330 23.88 -3.41 2.53
CA PRO B 330 24.17 -4.59 3.35
C PRO B 330 24.49 -5.83 2.48
N ARG B 331 23.90 -5.93 1.29
CA ARG B 331 24.18 -7.01 0.30
C ARG B 331 25.68 -7.00 -0.04
N LEU B 332 26.23 -5.82 -0.37
CA LEU B 332 27.65 -5.67 -0.79
C LEU B 332 28.57 -6.06 0.39
N ALA B 333 28.19 -5.72 1.62
CA ALA B 333 28.98 -6.01 2.85
C ALA B 333 29.04 -7.53 3.09
N LEU B 334 27.95 -8.26 2.76
CA LEU B 334 27.86 -9.74 2.76
C LEU B 334 28.14 -10.27 1.34
N ALA C 34 -28.09 5.65 -28.97
CA ALA C 34 -29.47 5.57 -28.38
C ALA C 34 -29.72 6.81 -27.51
N LEU C 35 -28.70 7.20 -26.72
CA LEU C 35 -28.72 8.38 -25.81
C LEU C 35 -28.83 9.66 -26.62
N ALA C 36 -27.90 9.85 -27.59
CA ALA C 36 -27.83 11.01 -28.50
C ALA C 36 -29.23 11.32 -29.06
N ARG C 37 -29.99 10.28 -29.44
CA ARG C 37 -31.42 10.38 -29.86
C ARG C 37 -32.16 11.30 -28.88
N ARG C 38 -32.33 10.85 -27.64
CA ARG C 38 -33.21 11.50 -26.63
C ARG C 38 -32.67 12.89 -26.26
N LEU C 39 -31.37 13.14 -26.47
CA LEU C 39 -30.72 14.43 -26.15
C LEU C 39 -31.02 15.47 -27.23
N ALA C 40 -30.73 15.16 -28.51
CA ALA C 40 -30.96 16.05 -29.66
C ALA C 40 -32.39 16.59 -29.59
N GLY C 41 -32.56 17.92 -29.76
CA GLY C 41 -33.85 18.61 -29.59
C GLY C 41 -33.86 19.56 -28.40
N LEU C 42 -33.01 19.28 -27.39
CA LEU C 42 -32.90 20.08 -26.13
C LEU C 42 -31.70 21.03 -26.24
N SER C 43 -31.75 22.16 -25.52
CA SER C 43 -30.63 23.14 -25.36
C SER C 43 -29.44 22.41 -24.75
N PRO C 44 -28.19 22.90 -24.96
CA PRO C 44 -27.04 22.37 -24.21
C PRO C 44 -27.31 22.30 -22.69
N ALA C 45 -28.00 23.31 -22.14
CA ALA C 45 -28.31 23.48 -20.70
C ALA C 45 -29.40 22.49 -20.25
N GLU C 46 -30.37 22.21 -21.12
CA GLU C 46 -31.43 21.18 -20.88
C GLU C 46 -30.79 19.79 -20.87
N GLN C 47 -29.74 19.59 -21.67
CA GLN C 47 -28.95 18.34 -21.75
C GLN C 47 -28.13 18.18 -20.47
N GLU C 48 -27.49 19.26 -20.03
CA GLU C 48 -26.89 19.38 -18.67
C GLU C 48 -27.94 18.91 -17.66
N GLN C 49 -29.06 19.64 -17.55
CA GLN C 49 -30.15 19.36 -16.59
C GLN C 49 -30.46 17.85 -16.63
N HIS C 50 -30.75 17.32 -17.82
CA HIS C 50 -31.23 15.92 -17.99
C HIS C 50 -30.16 14.95 -17.46
N LEU C 51 -28.91 15.09 -17.92
CA LEU C 51 -27.79 14.18 -17.54
C LEU C 51 -27.53 14.29 -16.03
N VAL C 52 -27.38 15.53 -15.54
CA VAL C 52 -27.12 15.82 -14.09
C VAL C 52 -28.24 15.18 -13.26
N ASP C 53 -29.47 15.24 -13.75
CA ASP C 53 -30.66 14.66 -13.08
C ASP C 53 -30.47 13.14 -12.98
N MET C 54 -30.09 12.47 -14.08
CA MET C 54 -29.93 10.98 -14.13
C MET C 54 -28.76 10.55 -13.22
N VAL C 55 -27.60 11.19 -13.38
CA VAL C 55 -26.38 10.88 -12.58
C VAL C 55 -26.70 11.09 -11.09
N HIS C 56 -27.60 12.02 -10.79
CA HIS C 56 -28.14 12.23 -9.41
C HIS C 56 -28.99 11.03 -9.00
N ARG C 57 -29.90 10.57 -9.86
CA ARG C 57 -30.86 9.47 -9.56
C ARG C 57 -30.07 8.24 -9.09
N HIS C 58 -28.99 7.90 -9.80
CA HIS C 58 -28.14 6.71 -9.53
C HIS C 58 -27.16 6.99 -8.38
N THR C 59 -26.80 8.25 -8.13
CA THR C 59 -25.88 8.64 -7.03
C THR C 59 -26.61 8.49 -5.70
N VAL C 60 -27.90 8.84 -5.63
CA VAL C 60 -28.71 8.66 -4.40
C VAL C 60 -28.97 7.16 -4.22
N ALA C 61 -29.30 6.44 -5.30
CA ALA C 61 -29.52 4.98 -5.33
C ALA C 61 -28.29 4.25 -4.78
N ALA C 62 -27.11 4.52 -5.36
CA ALA C 62 -25.80 4.01 -4.93
C ALA C 62 -25.51 4.43 -3.48
N LEU C 63 -25.95 5.62 -3.07
CA LEU C 63 -25.69 6.18 -1.71
C LEU C 63 -26.66 5.56 -0.68
N GLN C 64 -27.77 4.95 -1.12
CA GLN C 64 -28.78 4.30 -0.24
C GLN C 64 -28.22 2.96 0.27
N ALA C 65 -27.45 2.25 -0.55
CA ALA C 65 -26.81 0.96 -0.21
C ALA C 65 -25.85 1.15 0.97
N VAL C 66 -25.16 2.29 1.05
CA VAL C 66 -24.08 2.56 2.06
C VAL C 66 -24.75 2.82 3.42
N ALA C 67 -25.60 3.84 3.50
CA ALA C 67 -26.40 4.21 4.70
C ALA C 67 -27.76 4.75 4.24
N PRO C 68 -28.84 3.93 4.27
CA PRO C 68 -30.19 4.40 3.89
C PRO C 68 -30.67 5.68 4.57
N LEU C 69 -29.93 6.14 5.60
CA LEU C 69 -30.15 7.41 6.36
C LEU C 69 -30.06 8.63 5.44
N THR C 70 -29.39 8.55 4.27
CA THR C 70 -29.17 9.70 3.36
C THR C 70 -30.49 10.04 2.65
N PRO C 71 -30.78 11.35 2.43
CA PRO C 71 -32.04 11.79 1.81
C PRO C 71 -32.24 11.30 0.37
N ASP C 72 -33.41 11.59 -0.20
CA ASP C 72 -33.78 11.19 -1.59
C ASP C 72 -33.10 12.12 -2.61
N GLN C 73 -32.73 13.34 -2.19
CA GLN C 73 -32.03 14.34 -3.05
C GLN C 73 -30.68 14.67 -2.40
N VAL C 74 -29.73 15.23 -3.17
CA VAL C 74 -28.31 15.41 -2.76
C VAL C 74 -27.69 16.53 -3.60
N ASP C 75 -26.76 17.29 -3.02
CA ASP C 75 -26.12 18.47 -3.68
C ASP C 75 -25.15 17.98 -4.75
N VAL C 76 -25.48 18.18 -6.03
CA VAL C 76 -24.80 17.53 -7.19
C VAL C 76 -23.44 18.17 -7.43
N GLN C 77 -23.02 19.16 -6.63
CA GLN C 77 -21.73 19.87 -6.84
C GLN C 77 -20.70 19.34 -5.84
N ARG C 78 -21.12 18.52 -4.87
CA ARG C 78 -20.26 18.00 -3.78
C ARG C 78 -19.65 16.67 -4.21
N PRO C 79 -18.32 16.48 -4.07
CA PRO C 79 -17.66 15.26 -4.52
C PRO C 79 -18.27 14.01 -3.85
N PHE C 80 -18.25 12.87 -4.55
CA PHE C 80 -18.93 11.61 -4.16
C PHE C 80 -18.42 11.13 -2.80
N LEU C 81 -17.11 11.11 -2.63
CA LEU C 81 -16.46 10.56 -1.40
C LEU C 81 -16.92 11.41 -0.21
N GLU C 82 -17.13 12.71 -0.43
CA GLU C 82 -17.62 13.67 0.59
C GLU C 82 -19.05 13.29 0.98
N LEU C 83 -19.87 12.91 -0.01
CA LEU C 83 -21.30 12.51 0.20
C LEU C 83 -21.37 11.16 0.91
N GLY C 84 -20.31 10.36 0.83
CA GLY C 84 -20.18 9.08 1.55
C GLY C 84 -20.13 7.87 0.63
N PHE C 85 -19.57 8.03 -0.57
CA PHE C 85 -19.17 6.89 -1.44
C PHE C 85 -17.96 6.18 -0.79
N ASP C 86 -17.88 4.86 -0.97
CA ASP C 86 -16.64 4.05 -0.83
C ASP C 86 -16.35 3.42 -2.18
N SER C 87 -15.29 2.60 -2.28
CA SER C 87 -14.80 1.99 -3.55
C SER C 87 -15.94 1.21 -4.22
N LEU C 88 -16.78 0.58 -3.41
CA LEU C 88 -17.80 -0.36 -3.91
C LEU C 88 -19.03 0.40 -4.42
N ALA C 89 -19.34 1.57 -3.85
CA ALA C 89 -20.41 2.46 -4.36
C ALA C 89 -19.98 3.01 -5.73
N ALA C 90 -18.72 3.46 -5.85
CA ALA C 90 -18.13 4.00 -7.09
C ALA C 90 -18.35 3.05 -8.26
N VAL C 91 -18.08 1.76 -8.03
CA VAL C 91 -18.20 0.65 -9.01
C VAL C 91 -19.70 0.35 -9.24
N ASP C 92 -20.52 0.57 -8.21
CA ASP C 92 -21.99 0.38 -8.25
C ASP C 92 -22.57 1.47 -9.15
N LEU C 93 -22.21 2.74 -8.93
CA LEU C 93 -22.66 3.87 -9.79
C LEU C 93 -22.30 3.53 -11.24
N HIS C 94 -21.04 3.14 -11.49
CA HIS C 94 -20.49 2.87 -12.84
C HIS C 94 -21.32 1.82 -13.57
N LYS C 95 -21.85 0.81 -12.86
CA LYS C 95 -22.75 -0.22 -13.45
C LYS C 95 -24.04 0.47 -13.90
N ARG C 96 -24.70 1.17 -12.98
CA ARG C 96 -26.00 1.87 -13.21
C ARG C 96 -25.90 2.79 -14.42
N LEU C 97 -24.79 3.52 -14.54
CA LEU C 97 -24.59 4.56 -15.58
C LEU C 97 -24.25 3.88 -16.91
N THR C 98 -23.33 2.92 -16.89
CA THR C 98 -23.03 2.00 -18.02
C THR C 98 -24.37 1.40 -18.49
N GLY C 99 -25.18 0.93 -17.52
CA GLY C 99 -26.56 0.44 -17.71
C GLY C 99 -27.42 1.37 -18.55
N GLU C 100 -27.78 2.55 -18.02
CA GLU C 100 -28.73 3.49 -18.68
C GLU C 100 -28.11 4.06 -19.97
N THR C 101 -26.88 4.56 -19.93
CA THR C 101 -26.25 5.31 -21.05
C THR C 101 -25.83 4.36 -22.18
N GLY C 102 -25.61 3.08 -21.88
CA GLY C 102 -25.07 2.07 -22.82
C GLY C 102 -23.72 2.45 -23.39
N LEU C 103 -22.90 3.18 -22.63
CA LEU C 103 -21.62 3.78 -23.10
C LEU C 103 -20.42 3.05 -22.50
N GLU C 104 -19.23 3.25 -23.09
CA GLU C 104 -17.93 2.84 -22.51
C GLU C 104 -17.49 3.89 -21.48
N LEU C 105 -17.82 3.66 -20.20
CA LEU C 105 -17.33 4.45 -19.05
C LEU C 105 -16.24 3.65 -18.36
N PRO C 106 -15.11 4.30 -17.96
CA PRO C 106 -14.08 3.62 -17.19
C PRO C 106 -14.59 3.28 -15.79
N VAL C 107 -14.29 2.08 -15.26
CA VAL C 107 -14.74 1.62 -13.90
C VAL C 107 -14.55 2.73 -12.88
N THR C 108 -13.44 3.48 -13.02
CA THR C 108 -12.96 4.52 -12.07
C THR C 108 -13.60 5.88 -12.36
N VAL C 109 -14.72 5.92 -13.10
CA VAL C 109 -15.39 7.16 -13.57
C VAL C 109 -15.73 8.03 -12.35
N ALA C 110 -16.19 7.41 -11.24
CA ALA C 110 -16.60 8.15 -10.02
C ALA C 110 -15.37 8.75 -9.33
N PHE C 111 -14.19 8.17 -9.53
CA PHE C 111 -12.90 8.66 -8.97
C PHE C 111 -12.30 9.72 -9.90
N ASP C 112 -12.35 9.50 -11.21
CA ASP C 112 -11.71 10.37 -12.24
C ASP C 112 -12.54 11.65 -12.44
N PHE C 113 -13.84 11.60 -12.11
CA PHE C 113 -14.81 12.73 -12.24
C PHE C 113 -15.56 12.87 -10.91
N PRO C 114 -14.89 13.37 -9.86
CA PRO C 114 -15.36 13.19 -8.48
C PRO C 114 -16.67 13.85 -8.02
N THR C 115 -17.45 14.49 -8.90
CA THR C 115 -18.75 15.13 -8.55
C THR C 115 -19.81 14.78 -9.58
N PRO C 116 -21.08 14.52 -9.18
CA PRO C 116 -22.13 14.15 -10.13
C PRO C 116 -22.11 15.04 -11.38
N VAL C 117 -21.96 16.35 -11.20
CA VAL C 117 -21.92 17.33 -12.33
C VAL C 117 -20.85 16.89 -13.33
N LEU C 118 -19.64 16.59 -12.86
CA LEU C 118 -18.50 16.24 -13.75
C LEU C 118 -18.73 14.90 -14.45
N VAL C 119 -19.51 13.99 -13.87
CA VAL C 119 -19.80 12.67 -14.51
C VAL C 119 -20.74 12.95 -15.68
N ALA C 120 -21.78 13.75 -15.45
CA ALA C 120 -22.73 14.24 -16.48
C ALA C 120 -21.94 15.01 -17.57
N GLU C 121 -20.97 15.84 -17.16
CA GLU C 121 -20.08 16.60 -18.08
C GLU C 121 -19.39 15.60 -19.00
N GLU C 122 -18.82 14.55 -18.41
CA GLU C 122 -18.02 13.52 -19.11
C GLU C 122 -18.93 12.69 -20.03
N ILE C 123 -20.13 12.31 -19.53
CA ILE C 123 -21.11 11.46 -20.28
C ILE C 123 -21.48 12.14 -21.60
N ARG C 124 -21.80 13.43 -21.56
CA ARG C 124 -22.12 14.26 -22.76
C ARG C 124 -20.98 14.13 -23.78
N ARG C 125 -19.76 14.43 -23.33
CA ARG C 125 -18.56 14.45 -24.21
C ARG C 125 -18.45 13.11 -24.94
N ILE C 126 -18.70 12.00 -24.25
CA ILE C 126 -18.65 10.62 -24.83
C ILE C 126 -19.71 10.54 -25.94
N ALA C 127 -20.98 10.79 -25.60
CA ALA C 127 -22.17 10.60 -26.47
C ALA C 127 -22.02 11.36 -27.78
N PHE C 128 -21.21 12.42 -27.79
CA PHE C 128 -20.89 13.30 -28.95
C PHE C 128 -19.36 13.41 -29.12
N ARG D 32 4.43 3.85 -41.78
CA ARG D 32 5.51 2.84 -41.55
C ARG D 32 6.62 3.48 -40.71
N THR D 33 6.80 3.02 -39.46
CA THR D 33 7.69 3.61 -38.42
C THR D 33 9.13 3.71 -38.91
N ALA D 34 9.91 4.61 -38.27
CA ALA D 34 11.32 4.91 -38.59
C ALA D 34 12.18 3.67 -38.39
N LEU D 35 11.91 2.89 -37.34
CA LEU D 35 12.60 1.60 -37.03
C LEU D 35 12.27 0.56 -38.12
N ALA D 36 10.97 0.35 -38.40
CA ALA D 36 10.46 -0.60 -39.43
C ALA D 36 11.26 -0.42 -40.73
N ARG D 37 11.54 0.83 -41.13
CA ARG D 37 12.44 1.17 -42.27
C ARG D 37 13.72 0.33 -42.17
N ARG D 38 14.55 0.57 -41.17
CA ARG D 38 15.90 -0.04 -40.95
C ARG D 38 15.80 -1.58 -40.89
N LEU D 39 14.65 -2.10 -40.44
CA LEU D 39 14.45 -3.56 -40.23
C LEU D 39 14.15 -4.24 -41.57
N ALA D 40 13.14 -3.75 -42.31
CA ALA D 40 12.72 -4.29 -43.63
C ALA D 40 13.96 -4.49 -44.50
N GLY D 41 14.07 -5.64 -45.17
CA GLY D 41 15.29 -6.12 -45.84
C GLY D 41 15.83 -7.38 -45.18
N LEU D 42 15.58 -7.54 -43.87
CA LEU D 42 15.96 -8.73 -43.06
C LEU D 42 14.76 -9.67 -42.90
N SER D 43 15.00 -10.96 -42.63
CA SER D 43 13.97 -11.97 -42.27
C SER D 43 13.28 -11.52 -40.97
N PRO D 44 12.04 -11.95 -40.69
CA PRO D 44 11.44 -11.72 -39.37
C PRO D 44 12.38 -12.12 -38.22
N ALA D 45 13.10 -13.23 -38.38
CA ALA D 45 14.00 -13.82 -37.35
C ALA D 45 15.30 -13.01 -37.24
N GLU D 46 15.80 -12.46 -38.34
CA GLU D 46 16.98 -11.56 -38.35
C GLU D 46 16.61 -10.24 -37.64
N GLN D 47 15.35 -9.84 -37.74
CA GLN D 47 14.78 -8.63 -37.06
C GLN D 47 14.70 -8.92 -35.56
N GLU D 48 14.19 -10.09 -35.20
CA GLU D 48 14.28 -10.65 -33.82
C GLU D 48 15.74 -10.54 -33.37
N GLN D 49 16.67 -11.23 -34.03
CA GLN D 49 18.11 -11.23 -33.67
C GLN D 49 18.56 -9.79 -33.40
N HIS D 50 18.32 -8.88 -34.35
CA HIS D 50 18.82 -7.49 -34.29
C HIS D 50 18.26 -6.78 -33.04
N LEU D 51 16.93 -6.82 -32.87
CA LEU D 51 16.21 -6.19 -31.72
C LEU D 51 16.67 -6.82 -30.40
N VAL D 52 16.70 -8.16 -30.31
CA VAL D 52 17.14 -8.91 -29.09
C VAL D 52 18.55 -8.45 -28.74
N ASP D 53 19.41 -8.23 -29.75
CA ASP D 53 20.79 -7.76 -29.54
C ASP D 53 20.77 -6.38 -28.88
N MET D 54 19.96 -5.45 -29.40
CA MET D 54 19.86 -4.05 -28.89
C MET D 54 19.27 -4.06 -27.46
N VAL D 55 18.14 -4.75 -27.26
CA VAL D 55 17.44 -4.85 -25.94
C VAL D 55 18.41 -5.45 -24.93
N HIS D 56 19.31 -6.32 -25.37
CA HIS D 56 20.43 -6.84 -24.56
C HIS D 56 21.42 -5.73 -24.21
N ARG D 57 21.84 -4.93 -25.21
CA ARG D 57 22.86 -3.86 -25.05
C ARG D 57 22.43 -2.93 -23.91
N HIS D 58 21.16 -2.53 -23.91
CA HIS D 58 20.56 -1.59 -22.93
C HIS D 58 20.23 -2.31 -21.61
N THR D 59 19.98 -3.62 -21.63
CA THR D 59 19.67 -4.42 -20.43
C THR D 59 20.94 -4.57 -19.58
N VAL D 60 22.10 -4.76 -20.22
CA VAL D 60 23.40 -4.85 -19.49
C VAL D 60 23.75 -3.45 -19.01
N ALA D 61 23.56 -2.42 -19.83
CA ALA D 61 23.79 -1.00 -19.52
C ALA D 61 22.98 -0.58 -18.27
N ALA D 62 21.66 -0.83 -18.31
CA ALA D 62 20.73 -0.62 -17.18
C ALA D 62 21.16 -1.43 -15.97
N LEU D 63 21.70 -2.64 -16.20
CA LEU D 63 22.07 -3.59 -15.12
C LEU D 63 23.43 -3.20 -14.52
N GLN D 64 24.25 -2.40 -15.22
CA GLN D 64 25.59 -1.92 -14.74
C GLN D 64 25.39 -0.89 -13.63
N ALA D 65 24.36 -0.03 -13.73
CA ALA D 65 24.05 1.02 -12.74
C ALA D 65 23.72 0.37 -11.39
N VAL D 66 23.07 -0.80 -11.38
CA VAL D 66 22.57 -1.47 -10.13
C VAL D 66 23.77 -2.07 -9.40
N ALA D 67 24.49 -2.99 -10.05
CA ALA D 67 25.71 -3.65 -9.52
C ALA D 67 26.71 -3.86 -10.67
N PRO D 68 27.71 -2.96 -10.85
CA PRO D 68 28.72 -3.11 -11.91
C PRO D 68 29.41 -4.48 -11.99
N LEU D 69 29.20 -5.33 -10.99
CA LEU D 69 29.73 -6.72 -10.92
C LEU D 69 29.18 -7.60 -12.05
N THR D 70 28.05 -7.22 -12.69
CA THR D 70 27.40 -8.02 -13.77
C THR D 70 28.24 -7.93 -15.04
N PRO D 71 28.36 -9.06 -15.79
CA PRO D 71 29.23 -9.10 -16.98
C PRO D 71 28.76 -8.17 -18.12
N ASP D 72 29.51 -8.17 -19.23
CA ASP D 72 29.17 -7.40 -20.46
C ASP D 72 28.00 -8.09 -21.19
N GLN D 73 27.80 -9.40 -20.98
CA GLN D 73 26.75 -10.23 -21.62
C GLN D 73 25.84 -10.82 -20.54
N VAL D 74 24.63 -11.26 -20.93
CA VAL D 74 23.56 -11.73 -20.00
C VAL D 74 22.58 -12.61 -20.80
N ASP D 75 22.00 -13.63 -20.16
CA ASP D 75 21.10 -14.63 -20.81
C ASP D 75 19.77 -13.96 -21.11
N VAL D 76 19.47 -13.75 -22.40
CA VAL D 76 18.35 -12.88 -22.84
C VAL D 76 17.00 -13.59 -22.65
N GLN D 77 16.98 -14.81 -22.11
CA GLN D 77 15.70 -15.54 -21.89
C GLN D 77 15.30 -15.49 -20.41
N ARG D 78 16.16 -14.95 -19.56
CA ARG D 78 15.93 -14.87 -18.09
C ARG D 78 15.21 -13.56 -17.75
N PRO D 79 14.10 -13.62 -16.97
CA PRO D 79 13.33 -12.41 -16.66
C PRO D 79 14.22 -11.34 -16.00
N PHE D 80 13.91 -10.06 -16.23
CA PHE D 80 14.73 -8.89 -15.83
C PHE D 80 14.92 -8.89 -14.30
N LEU D 81 13.83 -9.09 -13.56
CA LEU D 81 13.84 -9.01 -12.09
C LEU D 81 14.79 -10.09 -11.54
N GLU D 82 14.85 -11.24 -12.23
CA GLU D 82 15.75 -12.37 -11.91
C GLU D 82 17.20 -11.91 -12.09
N LEU D 83 17.47 -11.16 -13.16
CA LEU D 83 18.83 -10.66 -13.50
C LEU D 83 19.24 -9.56 -12.53
N GLY D 84 18.27 -8.92 -11.86
CA GLY D 84 18.53 -7.93 -10.80
C GLY D 84 18.09 -6.52 -11.19
N PHE D 85 17.04 -6.42 -12.00
CA PHE D 85 16.30 -5.14 -12.22
C PHE D 85 15.55 -4.81 -10.94
N ASP D 86 15.40 -3.51 -10.65
CA ASP D 86 14.38 -2.95 -9.73
C ASP D 86 13.51 -2.00 -10.57
N SER D 87 12.56 -1.32 -9.94
CA SER D 87 11.57 -0.45 -10.65
C SER D 87 12.30 0.68 -11.36
N LEU D 88 13.44 1.14 -10.85
CA LEU D 88 14.18 2.29 -11.44
C LEU D 88 14.97 1.83 -12.68
N ALA D 89 15.45 0.60 -12.72
CA ALA D 89 16.14 0.03 -13.90
C ALA D 89 15.11 -0.14 -15.03
N ALA D 90 13.92 -0.66 -14.70
CA ALA D 90 12.78 -0.90 -15.63
C ALA D 90 12.50 0.37 -16.44
N VAL D 91 12.38 1.50 -15.73
CA VAL D 91 12.09 2.85 -16.27
C VAL D 91 13.32 3.36 -17.05
N ASP D 92 14.52 2.96 -16.61
CA ASP D 92 15.81 3.32 -17.23
C ASP D 92 15.90 2.61 -18.59
N LEU D 93 15.64 1.31 -18.63
CA LEU D 93 15.63 0.54 -19.90
C LEU D 93 14.66 1.23 -20.86
N HIS D 94 13.43 1.50 -20.40
CA HIS D 94 12.34 2.08 -21.20
C HIS D 94 12.76 3.40 -21.85
N LYS D 95 13.58 4.21 -21.17
CA LYS D 95 14.12 5.48 -21.74
C LYS D 95 15.07 5.14 -22.90
N ARG D 96 16.05 4.29 -22.63
CA ARG D 96 17.08 3.84 -23.61
C ARG D 96 16.42 3.31 -24.88
N LEU D 97 15.35 2.52 -24.72
CA LEU D 97 14.68 1.81 -25.83
C LEU D 97 13.79 2.79 -26.60
N THR D 98 13.00 3.59 -25.87
CA THR D 98 12.26 4.77 -26.41
C THR D 98 13.25 5.61 -27.21
N GLY D 99 14.43 5.87 -26.62
CA GLY D 99 15.59 6.56 -27.23
C GLY D 99 15.94 6.01 -28.60
N GLU D 100 16.45 4.76 -28.68
CA GLU D 100 16.95 4.16 -29.94
C GLU D 100 15.81 3.91 -30.94
N THR D 101 14.71 3.29 -30.52
CA THR D 101 13.61 2.84 -31.42
C THR D 101 12.77 4.03 -31.91
N GLY D 102 12.77 5.14 -31.15
CA GLY D 102 11.96 6.34 -31.42
C GLY D 102 10.48 6.03 -31.41
N LEU D 103 10.05 5.03 -30.62
CA LEU D 103 8.66 4.51 -30.62
C LEU D 103 7.95 4.90 -29.32
N GLU D 104 6.61 4.79 -29.32
CA GLU D 104 5.74 4.85 -28.13
C GLU D 104 5.78 3.47 -27.44
N LEU D 105 6.64 3.31 -26.43
CA LEU D 105 6.65 2.13 -25.52
C LEU D 105 6.02 2.55 -24.20
N PRO D 106 5.15 1.70 -23.60
CA PRO D 106 4.62 1.99 -22.26
C PRO D 106 5.72 1.88 -21.20
N VAL D 107 5.74 2.80 -20.23
CA VAL D 107 6.77 2.88 -19.14
C VAL D 107 7.02 1.50 -18.56
N THR D 108 5.96 0.71 -18.42
CA THR D 108 5.89 -0.60 -17.71
C THR D 108 6.30 -1.75 -18.64
N VAL D 109 6.94 -1.44 -19.78
CA VAL D 109 7.30 -2.44 -20.84
C VAL D 109 8.12 -3.58 -20.22
N ALA D 110 9.05 -3.26 -19.32
CA ALA D 110 9.96 -4.24 -18.67
C ALA D 110 9.16 -5.14 -17.72
N PHE D 111 8.03 -4.67 -17.19
CA PHE D 111 7.14 -5.43 -16.28
C PHE D 111 6.14 -6.26 -17.12
N ASP D 112 5.58 -5.66 -18.18
CA ASP D 112 4.52 -6.28 -19.02
C ASP D 112 5.14 -7.37 -19.90
N PHE D 113 6.44 -7.28 -20.20
CA PHE D 113 7.22 -8.21 -21.06
C PHE D 113 8.49 -8.62 -20.34
N PRO D 114 8.38 -9.47 -19.30
CA PRO D 114 9.45 -9.62 -18.30
C PRO D 114 10.82 -10.19 -18.71
N THR D 115 11.09 -10.46 -19.99
CA THR D 115 12.41 -10.99 -20.47
C THR D 115 12.88 -10.23 -21.71
N PRO D 116 14.20 -9.93 -21.86
CA PRO D 116 14.70 -9.19 -23.01
C PRO D 116 14.09 -9.65 -24.33
N VAL D 117 13.99 -10.97 -24.53
CA VAL D 117 13.43 -11.56 -25.78
C VAL D 117 12.02 -10.99 -26.00
N LEU D 118 11.18 -11.03 -24.97
CA LEU D 118 9.76 -10.60 -25.09
C LEU D 118 9.66 -9.10 -25.35
N VAL D 119 10.64 -8.30 -24.89
CA VAL D 119 10.62 -6.83 -25.11
C VAL D 119 10.90 -6.58 -26.59
N ALA D 120 11.91 -7.27 -27.13
CA ALA D 120 12.26 -7.27 -28.57
C ALA D 120 11.06 -7.77 -29.39
N GLU D 121 10.38 -8.81 -28.90
CA GLU D 121 9.17 -9.38 -29.54
C GLU D 121 8.14 -8.26 -29.65
N GLU D 122 7.92 -7.54 -28.56
CA GLU D 122 6.88 -6.48 -28.43
C GLU D 122 7.30 -5.28 -29.28
N ILE D 123 8.58 -4.88 -29.25
CA ILE D 123 9.11 -3.70 -29.98
C ILE D 123 8.84 -3.86 -31.48
N ARG D 124 9.11 -5.03 -32.04
CA ARG D 124 8.87 -5.31 -33.48
C ARG D 124 7.36 -5.17 -33.77
N ARG D 125 6.50 -5.79 -32.95
CA ARG D 125 5.02 -5.75 -33.09
C ARG D 125 4.58 -4.29 -33.25
N ILE D 126 5.15 -3.39 -32.44
CA ILE D 126 4.85 -1.92 -32.46
C ILE D 126 5.26 -1.38 -33.84
N ALA D 127 6.54 -1.53 -34.19
CA ALA D 127 7.21 -0.94 -35.38
C ALA D 127 6.47 -1.28 -36.67
N PHE D 128 5.68 -2.36 -36.68
CA PHE D 128 4.73 -2.66 -37.78
C PHE D 128 3.29 -2.57 -37.22
N GLY D 129 2.83 -3.59 -36.48
CA GLY D 129 1.45 -3.68 -35.97
C GLY D 129 1.11 -5.08 -35.49
MG MG E . -11.61 -20.70 5.89
MG MG F . 15.39 18.75 4.83
OAG 9EF G . -13.72 1.47 -0.37
PAW 9EF G . -12.34 1.21 -0.92
OAH 9EF G . -11.27 1.98 -0.19
OAR 9EF G . -12.11 -0.37 -0.83
CAN 9EF G . -12.48 -1.03 0.37
CAX 9EF G . -12.04 -2.49 0.38
CAB 9EF G . -12.99 -3.24 -0.56
CAC 9EF G . -12.13 -3.02 1.80
CAV 9EF G . -10.57 -2.54 -0.14
OAI 9EF G . -9.64 -1.75 0.62
CAU 9EF G . -10.04 -3.94 -0.20
OAF 9EF G . -10.12 -4.54 -1.28
NAQ 9EF G . -9.52 -4.53 0.88
CAL 9EF G . -9.05 -5.89 0.73
CAM 9EF G . -8.37 -6.37 1.98
CAT 9EF G . -8.59 -7.86 1.97
OAE 9EF G . -7.80 -8.67 1.43
NAP 9EF G . -9.75 -8.17 2.54
CAK 9EF G . -10.34 -9.49 2.74
CAJ 9EF G . -9.47 -10.06 3.86
NAO 9EF G . -10.29 -10.99 4.59
CAS 9EF G . -10.54 -12.19 4.13
OAD 9EF G . -10.10 -12.57 3.06
CAA 9EF G . -11.42 -13.03 5.00
OAG 9EF H . 12.74 -0.47 -7.23
PAW 9EF H . 11.33 0.01 -6.92
OAH 9EF H . 10.27 -1.05 -6.70
OAR 9EF H . 11.41 1.11 -5.74
CAN 9EF H . 12.28 2.26 -5.86
CAX 9EF H . 11.94 3.37 -4.85
CAB 9EF H . 12.55 4.68 -5.36
CAC 9EF H . 12.52 3.02 -3.48
CAV 9EF H . 10.39 3.53 -4.84
OAI 9EF H . 9.74 2.27 -4.63
CAU 9EF H . 9.86 4.51 -3.81
OAF 9EF H . 9.60 5.66 -4.12
NAQ 9EF H . 9.67 4.04 -2.58
CAL 9EF H . 9.18 4.71 -1.40
CAM 9EF H . 10.43 5.10 -0.62
CAT 9EF H . 10.75 6.55 -0.80
OAE 9EF H . 9.94 7.35 -1.26
NAP 9EF H . 11.98 6.87 -0.42
CAK 9EF H . 12.56 8.21 -0.47
CAJ 9EF H . 11.64 9.12 0.35
NAO 9EF H . 12.42 9.75 1.39
CAS 9EF H . 12.56 11.04 1.57
OAD 9EF H . 12.01 11.87 0.85
CAA 9EF H . 13.40 11.42 2.72
#